data_7XPU
#
_entry.id   7XPU
#
_cell.length_a   98.189
_cell.length_b   162.548
_cell.length_c   115.662
_cell.angle_alpha   90.000
_cell.angle_beta   90.000
_cell.angle_gamma   90.000
#
_symmetry.space_group_name_H-M   'C 2 2 21'
#
loop_
_entity.id
_entity.type
_entity.pdbx_description
1 polymer Transglycosylse
2 non-polymer "GUANOSINE-5'-DIPHOSPHATE-BETA-L-FUCOPYRANOSE"
3 non-polymer 'MANGANESE (II) ION'
4 non-polymer GLYCEROL
5 water water
#
_entity_poly.entity_id   1
_entity_poly.type   'polypeptide(L)'
_entity_poly.pdbx_seq_one_letter_code
;GSSHHHHHHSSGENLYFQHMSGRDISTAVVVTTISDGGFLDRLAPALRDAGARLIVIPDRNTGPALFAACERHRRLGLDV
VCPSVAEQQDLLERLAVPDLIPYHSDNRRNVGYLMAWMEGFDVIVSMDDDNLPTTDDFVERHQVVCQGPRTQPVTASSDG
WFNNCALLEVEPTEVFPRGFPFHARPAHAQARTSVCERPADVRINAGLWLGDPDVDAITRLAVRPNALAHSGGSVVLAEG
TWCPVNAQNTAVHRDALPAYYFLRMGQPVDGVPMERFGDIFSGYFVQVCAQHLGHAVRFGDPVVEHPRNEHDLLDDLHKE
VPAVRLLDDILDHLRDHPLEGGDYLETYESLSYALQEIAERVNGRAWSPDARAFLHRSAHLMRSWTGALRTVAGT
;
_entity_poly.pdbx_strand_id   A,B
#
loop_
_chem_comp.id
_chem_comp.type
_chem_comp.name
_chem_comp.formula
GFB non-polymer GUANOSINE-5'-DIPHOSPHATE-BETA-L-FUCOPYRANOSE 'C16 H25 N5 O15 P2'
GOL non-polymer GLYCEROL 'C3 H8 O3'
MN non-polymer 'MANGANESE (II) ION' 'Mn 2'
#
# COMPACT_ATOMS: atom_id res chain seq x y z
N ARG A 23 29.93 -31.50 -22.08
CA ARG A 23 28.94 -32.10 -21.19
C ARG A 23 27.57 -31.47 -21.38
N ASP A 24 26.53 -32.29 -21.35
CA ASP A 24 25.16 -31.80 -21.51
C ASP A 24 24.66 -31.24 -20.19
N ILE A 25 24.11 -30.03 -20.24
CA ILE A 25 23.56 -29.40 -19.05
C ILE A 25 22.14 -29.90 -18.84
N SER A 26 21.86 -30.33 -17.61
CA SER A 26 20.53 -30.83 -17.25
C SER A 26 19.75 -29.73 -16.54
N THR A 27 18.50 -29.55 -16.93
CA THR A 27 17.64 -28.49 -16.40
C THR A 27 16.33 -29.10 -15.92
N ALA A 28 15.91 -28.72 -14.71
CA ALA A 28 14.63 -29.14 -14.15
C ALA A 28 13.84 -27.90 -13.78
N VAL A 29 12.62 -27.79 -14.29
CA VAL A 29 11.73 -26.68 -14.00
C VAL A 29 10.79 -27.10 -12.88
N VAL A 30 10.66 -26.26 -11.86
CA VAL A 30 9.84 -26.55 -10.69
C VAL A 30 8.65 -25.60 -10.69
N VAL A 31 7.44 -26.17 -10.65
CA VAL A 31 6.21 -25.39 -10.59
C VAL A 31 5.27 -26.06 -9.60
N THR A 32 4.81 -25.32 -8.61
CA THR A 32 3.73 -25.77 -7.73
C THR A 32 2.46 -25.02 -8.11
N THR A 33 1.33 -25.72 -8.11
CA THR A 33 0.11 -25.15 -8.65
C THR A 33 -1.10 -25.85 -8.08
N ILE A 34 -2.24 -25.16 -8.15
CA ILE A 34 -3.55 -25.69 -7.78
C ILE A 34 -4.52 -25.56 -8.95
N SER A 35 -4.01 -25.28 -10.15
CA SER A 35 -4.86 -25.09 -11.32
C SER A 35 -5.25 -26.45 -11.89
N ASP A 36 -5.90 -26.42 -13.06
CA ASP A 36 -6.36 -27.65 -13.72
C ASP A 36 -5.33 -28.21 -14.69
N GLY A 37 -4.19 -27.54 -14.87
CA GLY A 37 -3.15 -28.00 -15.76
C GLY A 37 -3.18 -27.39 -17.14
N GLY A 38 -4.09 -26.45 -17.42
CA GLY A 38 -4.16 -25.83 -18.72
C GLY A 38 -2.94 -24.99 -19.08
N PHE A 39 -2.20 -24.53 -18.06
CA PHE A 39 -1.00 -23.75 -18.31
C PHE A 39 0.09 -24.56 -19.01
N LEU A 40 0.01 -25.88 -18.96
CA LEU A 40 0.99 -26.73 -19.63
C LEU A 40 0.96 -26.58 -21.15
N ASP A 41 -0.15 -26.14 -21.72
CA ASP A 41 -0.25 -26.03 -23.17
C ASP A 41 0.75 -25.03 -23.73
N ARG A 42 1.08 -23.97 -22.98
CA ARG A 42 2.03 -22.97 -23.44
C ARG A 42 3.40 -23.10 -22.80
N LEU A 43 3.51 -23.79 -21.66
CA LEU A 43 4.79 -23.98 -21.00
C LEU A 43 5.56 -25.17 -21.55
N ALA A 44 4.87 -26.22 -21.97
CA ALA A 44 5.55 -27.43 -22.43
C ALA A 44 6.41 -27.23 -23.68
N PRO A 45 5.99 -26.50 -24.73
CA PRO A 45 6.79 -26.46 -25.96
C PRO A 45 8.25 -26.10 -25.76
N ALA A 46 8.55 -25.03 -25.01
CA ALA A 46 9.94 -24.63 -24.81
C ALA A 46 10.67 -25.66 -23.94
N LEU A 47 9.98 -26.25 -22.97
CA LEU A 47 10.62 -27.24 -22.10
C LEU A 47 10.78 -28.58 -22.80
N ARG A 48 9.82 -28.94 -23.64
CA ARG A 48 9.87 -30.24 -24.32
C ARG A 48 10.93 -30.25 -25.42
N ASP A 49 11.07 -29.13 -26.15
CA ASP A 49 12.06 -29.08 -27.22
C ASP A 49 13.49 -29.12 -26.69
N ALA A 50 13.71 -28.65 -25.47
CA ALA A 50 15.03 -28.64 -24.86
C ALA A 50 15.31 -29.89 -24.03
N GLY A 51 14.34 -30.79 -23.91
CA GLY A 51 14.55 -31.99 -23.12
C GLY A 51 14.62 -31.77 -21.63
N ALA A 52 14.16 -30.63 -21.16
CA ALA A 52 14.19 -30.33 -19.73
C ALA A 52 13.05 -31.04 -19.00
N ARG A 53 13.29 -31.34 -17.73
CA ARG A 53 12.29 -31.97 -16.89
C ARG A 53 11.43 -30.91 -16.20
N LEU A 54 10.14 -31.17 -16.13
CA LEU A 54 9.20 -30.32 -15.40
C LEU A 54 8.71 -31.08 -14.18
N ILE A 55 8.94 -30.52 -12.99
CA ILE A 55 8.51 -31.12 -11.74
C ILE A 55 7.32 -30.31 -11.24
N VAL A 56 6.12 -30.84 -11.43
CA VAL A 56 4.90 -30.19 -10.97
C VAL A 56 4.59 -30.68 -9.56
N ILE A 57 4.45 -29.75 -8.63
CA ILE A 57 4.18 -30.09 -7.23
C ILE A 57 2.73 -29.78 -6.91
N PRO A 58 1.85 -30.78 -6.86
CA PRO A 58 0.46 -30.52 -6.46
C PRO A 58 0.34 -30.41 -4.94
N ASP A 59 -0.87 -30.08 -4.51
CA ASP A 59 -1.19 -29.90 -3.11
C ASP A 59 -2.49 -30.63 -2.79
N ARG A 60 -2.89 -30.60 -1.52
CA ARG A 60 -4.13 -31.25 -1.13
C ARG A 60 -5.35 -30.53 -1.69
N ASN A 61 -5.24 -29.22 -1.95
CA ASN A 61 -6.31 -28.45 -2.58
C ASN A 61 -6.17 -28.37 -4.09
N THR A 62 -5.45 -29.31 -4.70
CA THR A 62 -5.27 -29.35 -6.15
C THR A 62 -6.20 -30.42 -6.73
N GLY A 63 -6.98 -30.03 -7.74
CA GLY A 63 -7.92 -30.92 -8.37
C GLY A 63 -7.25 -32.01 -9.19
N PRO A 64 -8.00 -33.07 -9.50
CA PRO A 64 -7.43 -34.18 -10.28
C PRO A 64 -7.14 -33.83 -11.73
N ALA A 65 -7.65 -32.71 -12.24
CA ALA A 65 -7.43 -32.37 -13.64
C ALA A 65 -5.96 -32.09 -13.93
N LEU A 66 -5.20 -31.65 -12.94
CA LEU A 66 -3.77 -31.40 -13.14
C LEU A 66 -3.03 -32.69 -13.44
N PHE A 67 -3.35 -33.77 -12.71
CA PHE A 67 -2.69 -35.05 -12.95
C PHE A 67 -3.00 -35.58 -14.35
N ALA A 68 -4.22 -35.37 -14.83
CA ALA A 68 -4.57 -35.79 -16.18
C ALA A 68 -3.88 -34.93 -17.23
N ALA A 69 -3.66 -33.65 -16.93
CA ALA A 69 -2.97 -32.78 -17.88
C ALA A 69 -1.48 -33.10 -17.96
N CYS A 70 -0.88 -33.52 -16.84
CA CYS A 70 0.52 -33.90 -16.86
C CYS A 70 0.73 -35.17 -17.68
N GLU A 71 -0.14 -36.17 -17.51
CA GLU A 71 -0.02 -37.40 -18.29
C GLU A 71 -0.30 -37.16 -19.76
N ARG A 72 -1.19 -36.21 -20.08
CA ARG A 72 -1.45 -35.90 -21.49
C ARG A 72 -0.22 -35.28 -22.15
N HIS A 73 0.45 -34.37 -21.45
CA HIS A 73 1.68 -33.78 -21.97
C HIS A 73 2.88 -34.71 -21.85
N ARG A 74 2.84 -35.68 -20.92
CA ARG A 74 3.94 -36.64 -20.83
C ARG A 74 4.02 -37.50 -22.09
N ARG A 75 2.87 -37.95 -22.60
CA ARG A 75 2.84 -38.74 -23.82
C ARG A 75 3.02 -37.88 -25.07
N LEU A 76 3.07 -36.57 -24.94
CA LEU A 76 3.39 -35.68 -26.06
C LEU A 76 4.89 -35.41 -26.18
N GLY A 77 5.69 -35.92 -25.26
CA GLY A 77 7.13 -35.75 -25.30
C GLY A 77 7.73 -35.01 -24.12
N LEU A 78 6.92 -34.45 -23.24
CA LEU A 78 7.45 -33.68 -22.11
C LEU A 78 7.80 -34.61 -20.96
N ASP A 79 9.02 -34.45 -20.43
CA ASP A 79 9.46 -35.19 -19.24
C ASP A 79 8.91 -34.47 -18.02
N VAL A 80 7.67 -34.76 -17.70
CA VAL A 80 6.96 -34.12 -16.59
C VAL A 80 6.64 -35.16 -15.54
N VAL A 81 6.84 -34.79 -14.27
CA VAL A 81 6.52 -35.62 -13.13
C VAL A 81 5.60 -34.82 -12.20
N CYS A 82 4.64 -35.51 -11.57
CA CYS A 82 3.66 -34.88 -10.69
C CYS A 82 3.45 -35.79 -9.50
N PRO A 83 4.34 -35.73 -8.51
CA PRO A 83 4.21 -36.64 -7.35
C PRO A 83 3.04 -36.24 -6.46
N SER A 84 2.22 -37.22 -6.11
CA SER A 84 1.08 -36.98 -5.25
C SER A 84 1.53 -36.56 -3.86
N VAL A 85 0.60 -35.99 -3.10
CA VAL A 85 0.92 -35.53 -1.74
C VAL A 85 1.36 -36.70 -0.87
N ALA A 86 0.89 -37.91 -1.18
CA ALA A 86 1.36 -39.09 -0.45
C ALA A 86 2.81 -39.40 -0.79
N GLU A 87 3.18 -39.27 -2.07
CA GLU A 87 4.57 -39.48 -2.45
C GLU A 87 5.48 -38.38 -1.91
N GLN A 88 4.98 -37.15 -1.83
CA GLN A 88 5.78 -36.07 -1.27
C GLN A 88 6.02 -36.27 0.21
N GLN A 89 4.98 -36.65 0.96
CA GLN A 89 5.13 -36.82 2.40
C GLN A 89 6.03 -38.00 2.74
N ASP A 90 6.00 -39.06 1.94
CA ASP A 90 6.88 -40.19 2.17
C ASP A 90 8.35 -39.80 2.04
N LEU A 91 8.67 -38.99 1.02
CA LEU A 91 10.03 -38.50 0.86
C LEU A 91 10.45 -37.60 2.02
N LEU A 92 9.56 -36.70 2.42
CA LEU A 92 9.90 -35.77 3.51
C LEU A 92 10.00 -36.49 4.85
N GLU A 93 9.27 -37.59 5.03
CA GLU A 93 9.39 -38.35 6.26
C GLU A 93 10.69 -39.15 6.30
N ARG A 94 11.14 -39.66 5.15
CA ARG A 94 12.42 -40.36 5.10
C ARG A 94 13.60 -39.44 5.40
N LEU A 95 13.44 -38.14 5.16
CA LEU A 95 14.50 -37.17 5.41
C LEU A 95 14.33 -36.47 6.75
N ALA A 96 13.47 -37.00 7.63
CA ALA A 96 13.27 -36.47 8.98
C ALA A 96 12.80 -35.02 8.98
N VAL A 97 12.01 -34.64 7.97
CA VAL A 97 11.43 -33.30 7.93
C VAL A 97 9.94 -33.39 7.55
N PRO A 98 9.10 -34.07 8.34
CA PRO A 98 7.69 -34.20 7.96
C PRO A 98 6.88 -32.94 8.18
N ASP A 99 7.30 -32.05 9.08
CA ASP A 99 6.55 -30.84 9.41
C ASP A 99 7.17 -29.60 8.82
N LEU A 100 8.18 -29.74 7.95
CA LEU A 100 8.88 -28.57 7.41
C LEU A 100 8.00 -27.81 6.42
N ILE A 101 7.41 -28.52 5.47
CA ILE A 101 6.69 -27.94 4.36
C ILE A 101 5.20 -28.09 4.61
N PRO A 102 4.45 -27.00 4.79
CA PRO A 102 3.01 -27.11 5.05
C PRO A 102 2.22 -27.33 3.76
N TYR A 103 0.96 -27.69 3.95
CA TYR A 103 0.04 -27.87 2.83
C TYR A 103 -0.84 -26.64 2.66
N HIS A 104 -1.61 -26.63 1.58
CA HIS A 104 -2.45 -25.49 1.20
C HIS A 104 -1.62 -24.22 1.08
N SER A 105 -0.45 -24.34 0.45
CA SER A 105 0.48 -23.22 0.34
C SER A 105 1.42 -23.47 -0.82
N ASP A 106 1.84 -22.38 -1.47
CA ASP A 106 2.83 -22.46 -2.53
C ASP A 106 4.24 -22.69 -1.98
N ASN A 107 4.39 -22.85 -0.66
CA ASN A 107 5.66 -23.25 -0.09
C ASN A 107 6.06 -24.65 -0.53
N ARG A 108 5.12 -25.44 -1.05
CA ARG A 108 5.42 -26.80 -1.48
C ARG A 108 6.35 -26.84 -2.68
N ARG A 109 6.68 -25.70 -3.28
CA ARG A 109 7.68 -25.69 -4.34
C ARG A 109 9.06 -26.12 -3.81
N ASN A 110 9.27 -26.06 -2.50
CA ASN A 110 10.50 -26.58 -1.92
C ASN A 110 10.65 -28.08 -2.16
N VAL A 111 9.53 -28.80 -2.29
CA VAL A 111 9.58 -30.21 -2.66
C VAL A 111 10.20 -30.37 -4.04
N GLY A 112 9.82 -29.50 -4.98
CA GLY A 112 10.42 -29.53 -6.30
C GLY A 112 11.89 -29.18 -6.28
N TYR A 113 12.26 -28.19 -5.46
CA TYR A 113 13.68 -27.87 -5.28
C TYR A 113 14.45 -29.08 -4.76
N LEU A 114 13.88 -29.76 -3.76
CA LEU A 114 14.55 -30.92 -3.17
C LEU A 114 14.65 -32.07 -4.16
N MET A 115 13.57 -32.34 -4.91
CA MET A 115 13.59 -33.44 -5.87
C MET A 115 14.59 -33.19 -6.99
N ALA A 116 14.61 -31.97 -7.53
CA ALA A 116 15.56 -31.65 -8.59
C ALA A 116 17.00 -31.72 -8.09
N TRP A 117 17.22 -31.43 -6.81
CA TRP A 117 18.56 -31.48 -6.25
C TRP A 117 19.02 -32.91 -6.01
N MET A 118 18.11 -33.78 -5.57
CA MET A 118 18.47 -35.18 -5.35
C MET A 118 18.84 -35.87 -6.66
N GLU A 119 18.13 -35.54 -7.74
CA GLU A 119 18.35 -36.19 -9.02
C GLU A 119 19.55 -35.64 -9.78
N GLY A 120 20.26 -34.66 -9.22
CA GLY A 120 21.50 -34.20 -9.81
C GLY A 120 21.36 -33.29 -11.01
N PHE A 121 20.27 -32.52 -11.09
CA PHE A 121 20.12 -31.59 -12.20
C PHE A 121 21.06 -30.41 -12.05
N ASP A 122 21.59 -29.94 -13.17
CA ASP A 122 22.52 -28.81 -13.16
C ASP A 122 21.79 -27.50 -12.88
N VAL A 123 20.66 -27.28 -13.54
CA VAL A 123 19.91 -26.03 -13.45
C VAL A 123 18.55 -26.32 -12.85
N ILE A 124 18.13 -25.50 -11.90
CA ILE A 124 16.81 -25.56 -11.30
C ILE A 124 16.12 -24.23 -11.60
N VAL A 125 15.06 -24.28 -12.40
CA VAL A 125 14.33 -23.08 -12.83
C VAL A 125 13.02 -23.05 -12.08
N SER A 126 12.87 -22.07 -11.18
CA SER A 126 11.66 -21.89 -10.41
C SER A 126 10.69 -21.03 -11.22
N MET A 127 9.48 -21.54 -11.43
CA MET A 127 8.45 -20.82 -12.18
C MET A 127 7.10 -20.99 -11.49
N ASP A 128 6.18 -20.11 -11.84
CA ASP A 128 4.78 -20.23 -11.45
C ASP A 128 3.95 -20.70 -12.63
N ASP A 129 2.68 -21.00 -12.37
CA ASP A 129 1.81 -21.53 -13.42
C ASP A 129 1.25 -20.44 -14.32
N ASP A 130 1.65 -19.19 -14.14
CA ASP A 130 1.21 -18.10 -15.01
C ASP A 130 2.38 -17.38 -15.66
N ASN A 131 3.55 -18.01 -15.70
CA ASN A 131 4.72 -17.50 -16.39
C ASN A 131 4.99 -18.38 -17.60
N LEU A 132 4.86 -17.82 -18.79
CA LEU A 132 4.95 -18.56 -20.03
C LEU A 132 6.12 -18.07 -20.87
N PRO A 133 7.04 -18.95 -21.28
CA PRO A 133 8.19 -18.50 -22.08
C PRO A 133 7.75 -17.93 -23.42
N THR A 134 8.52 -16.95 -23.90
CA THR A 134 8.22 -16.26 -25.14
C THR A 134 9.18 -16.61 -26.27
N THR A 135 10.30 -17.26 -25.99
CA THR A 135 11.29 -17.60 -26.99
C THR A 135 11.60 -19.09 -26.94
N ASP A 136 12.12 -19.61 -28.05
CA ASP A 136 12.45 -21.03 -28.12
C ASP A 136 13.67 -21.38 -27.27
N ASP A 137 14.59 -20.43 -27.10
CA ASP A 137 15.81 -20.67 -26.32
C ASP A 137 15.62 -20.39 -24.83
N PHE A 138 14.42 -20.61 -24.30
CA PHE A 138 14.14 -20.30 -22.90
C PHE A 138 15.08 -21.09 -21.98
N VAL A 139 15.19 -22.40 -22.19
CA VAL A 139 16.04 -23.21 -21.33
C VAL A 139 17.51 -22.89 -21.57
N GLU A 140 17.89 -22.66 -22.84
CA GLU A 140 19.28 -22.35 -23.15
C GLU A 140 19.73 -21.06 -22.47
N ARG A 141 18.88 -20.05 -22.44
CA ARG A 141 19.23 -18.79 -21.78
C ARG A 141 19.40 -18.98 -20.28
N HIS A 142 18.57 -19.83 -19.67
CA HIS A 142 18.68 -20.09 -18.23
C HIS A 142 19.90 -20.92 -17.88
N GLN A 143 20.54 -21.56 -18.87
CA GLN A 143 21.76 -22.32 -18.61
C GLN A 143 22.97 -21.43 -18.34
N VAL A 144 22.79 -20.11 -18.32
CA VAL A 144 23.88 -19.19 -18.04
C VAL A 144 24.42 -19.37 -16.63
N VAL A 145 23.66 -19.99 -15.73
CA VAL A 145 24.13 -20.26 -14.39
C VAL A 145 25.17 -21.37 -14.34
N CYS A 146 25.43 -22.03 -15.47
CA CYS A 146 26.50 -23.01 -15.59
C CYS A 146 27.67 -22.48 -16.40
N GLN A 147 27.76 -21.17 -16.57
CA GLN A 147 28.80 -20.58 -17.41
C GLN A 147 30.17 -20.70 -16.77
N GLY A 148 30.25 -20.56 -15.45
CA GLY A 148 31.52 -20.61 -14.75
C GLY A 148 32.14 -19.24 -14.62
N PRO A 149 33.24 -19.14 -13.87
CA PRO A 149 33.90 -17.84 -13.68
C PRO A 149 34.60 -17.38 -14.95
N ARG A 150 34.48 -16.09 -15.24
CA ARG A 150 35.12 -15.47 -16.38
C ARG A 150 34.96 -13.95 -16.28
N THR A 151 35.94 -13.24 -16.84
CA THR A 151 35.89 -11.78 -16.84
C THR A 151 34.78 -11.30 -17.76
N GLN A 152 33.83 -10.55 -17.21
CA GLN A 152 32.66 -10.13 -17.94
C GLN A 152 32.25 -8.75 -17.44
N PRO A 153 31.48 -8.00 -18.23
CA PRO A 153 31.01 -6.69 -17.76
C PRO A 153 30.06 -6.85 -16.57
N VAL A 154 30.40 -6.20 -15.47
CA VAL A 154 29.62 -6.29 -14.24
C VAL A 154 29.09 -4.89 -13.92
N THR A 155 27.89 -4.85 -13.34
CA THR A 155 27.17 -3.61 -13.11
C THR A 155 27.11 -3.30 -11.62
N ALA A 156 27.56 -2.11 -11.25
CA ALA A 156 27.54 -1.65 -9.86
C ALA A 156 26.74 -0.35 -9.76
N SER A 157 26.19 -0.10 -8.58
CA SER A 157 25.42 1.10 -8.31
C SER A 157 25.94 1.78 -7.06
N SER A 158 25.97 3.12 -7.08
CA SER A 158 26.55 3.87 -5.98
C SER A 158 25.76 3.68 -4.69
N ASP A 159 24.46 3.45 -4.79
CA ASP A 159 23.62 3.24 -3.60
C ASP A 159 23.50 1.77 -3.21
N GLY A 160 24.13 0.87 -3.96
CA GLY A 160 24.07 -0.54 -3.64
C GLY A 160 22.81 -1.25 -4.06
N TRP A 161 21.97 -0.63 -4.88
CA TRP A 161 20.71 -1.21 -5.31
C TRP A 161 20.56 -1.06 -6.81
N PHE A 162 19.97 -2.07 -7.44
CA PHE A 162 19.69 -2.07 -8.87
C PHE A 162 18.23 -2.36 -9.10
N ASN A 163 17.60 -1.59 -9.99
CA ASN A 163 16.19 -1.73 -10.31
C ASN A 163 16.08 -2.48 -11.63
N ASN A 164 15.73 -3.77 -11.56
CA ASN A 164 15.60 -4.56 -12.77
C ASN A 164 14.41 -4.14 -13.62
N CYS A 165 13.40 -3.47 -13.03
CA CYS A 165 12.28 -2.99 -13.81
C CYS A 165 12.67 -1.85 -14.74
N ALA A 166 13.81 -1.21 -14.50
CA ALA A 166 14.32 -0.22 -15.44
C ALA A 166 14.80 -0.85 -16.74
N LEU A 167 15.03 -2.16 -16.76
CA LEU A 167 15.34 -2.89 -17.99
C LEU A 167 14.11 -3.15 -18.85
N LEU A 168 12.91 -2.78 -18.37
CA LEU A 168 11.67 -3.02 -19.07
C LEU A 168 11.01 -1.69 -19.43
N GLU A 169 10.20 -1.71 -20.48
CA GLU A 169 9.35 -0.59 -20.83
C GLU A 169 8.03 -0.75 -20.08
N VAL A 170 7.81 0.09 -19.07
CA VAL A 170 6.66 -0.02 -18.19
C VAL A 170 5.83 1.25 -18.28
N GLU A 171 4.52 1.09 -18.43
CA GLU A 171 3.53 2.16 -18.39
C GLU A 171 2.63 1.97 -17.16
N PRO A 172 2.09 3.06 -16.60
CA PRO A 172 2.20 4.46 -17.07
C PRO A 172 3.38 5.22 -16.47
N THR A 173 4.18 4.57 -15.63
CA THR A 173 5.29 5.26 -14.96
C THR A 173 6.32 4.23 -14.55
N GLU A 174 7.46 4.74 -14.05
CA GLU A 174 8.52 3.86 -13.59
C GLU A 174 8.12 3.17 -12.29
N VAL A 175 8.53 1.91 -12.15
CA VAL A 175 8.18 1.10 -10.98
C VAL A 175 9.43 0.42 -10.46
N PHE A 176 9.30 -0.16 -9.26
CA PHE A 176 10.31 -0.95 -8.60
C PHE A 176 9.80 -2.38 -8.43
N PRO A 177 10.70 -3.37 -8.39
CA PRO A 177 10.24 -4.75 -8.21
C PRO A 177 9.77 -4.99 -6.78
N ARG A 178 8.97 -6.04 -6.64
CA ARG A 178 8.50 -6.45 -5.32
C ARG A 178 9.69 -6.85 -4.46
N GLY A 179 9.68 -6.40 -3.20
CA GLY A 179 10.79 -6.64 -2.30
C GLY A 179 11.90 -5.62 -2.35
N PHE A 180 11.81 -4.62 -3.24
CA PHE A 180 12.79 -3.56 -3.27
C PHE A 180 12.63 -2.68 -2.04
N PRO A 181 13.71 -2.35 -1.32
CA PRO A 181 13.56 -1.57 -0.09
C PRO A 181 13.01 -0.18 -0.36
N PHE A 182 12.06 0.24 0.47
CA PHE A 182 11.39 1.52 0.25
C PHE A 182 12.26 2.71 0.65
N HIS A 183 13.17 2.54 1.61
CA HIS A 183 13.99 3.65 2.06
C HIS A 183 14.93 4.15 0.97
N ALA A 184 15.29 3.31 0.01
CA ALA A 184 16.24 3.67 -1.04
C ALA A 184 15.56 4.03 -2.35
N ARG A 185 14.23 4.03 -2.41
CA ARG A 185 13.54 4.33 -3.66
C ARG A 185 13.62 5.81 -4.03
N PRO A 186 13.36 6.76 -3.13
CA PRO A 186 13.38 8.18 -3.56
C PRO A 186 14.73 8.65 -4.09
N ALA A 187 15.83 8.23 -3.46
CA ALA A 187 17.15 8.70 -3.86
C ALA A 187 17.81 7.81 -4.90
N HIS A 188 17.14 6.74 -5.35
CA HIS A 188 17.75 5.86 -6.33
C HIS A 188 17.92 6.51 -7.69
N ALA A 189 17.11 7.53 -8.00
CA ALA A 189 17.22 8.19 -9.30
C ALA A 189 18.54 8.92 -9.47
N GLN A 190 19.14 9.38 -8.37
CA GLN A 190 20.41 10.06 -8.40
C GLN A 190 21.60 9.12 -8.29
N ALA A 191 21.36 7.81 -8.16
CA ALA A 191 22.45 6.86 -8.03
C ALA A 191 23.22 6.73 -9.33
N ARG A 192 24.51 6.43 -9.22
CA ARG A 192 25.40 6.29 -10.37
C ARG A 192 25.53 4.82 -10.74
N THR A 193 25.21 4.49 -11.98
CA THR A 193 25.33 3.13 -12.50
C THR A 193 26.57 3.05 -13.38
N SER A 194 27.48 2.14 -13.04
CA SER A 194 28.72 1.95 -13.77
C SER A 194 28.87 0.50 -14.15
N VAL A 195 29.54 0.26 -15.29
CA VAL A 195 29.81 -1.07 -15.81
C VAL A 195 31.33 -1.23 -15.91
N CYS A 196 31.84 -2.35 -15.41
CA CYS A 196 33.28 -2.60 -15.39
C CYS A 196 33.54 -4.06 -15.73
N GLU A 197 34.68 -4.31 -16.38
CA GLU A 197 35.10 -5.67 -16.72
C GLU A 197 35.78 -6.29 -15.50
N ARG A 198 35.08 -7.20 -14.84
CA ARG A 198 35.57 -7.87 -13.65
C ARG A 198 35.25 -9.35 -13.73
N PRO A 199 36.01 -10.19 -13.03
CA PRO A 199 35.64 -11.61 -12.95
C PRO A 199 34.32 -11.78 -12.22
N ALA A 200 33.46 -12.64 -12.78
CA ALA A 200 32.17 -12.92 -12.17
C ALA A 200 31.79 -14.36 -12.47
N ASP A 201 31.00 -14.95 -11.57
CA ASP A 201 30.54 -16.34 -11.68
C ASP A 201 29.03 -16.32 -11.45
N VAL A 202 28.26 -16.35 -12.54
CA VAL A 202 26.81 -16.27 -12.47
C VAL A 202 26.26 -17.61 -11.99
N ARG A 203 25.55 -17.58 -10.86
CA ARG A 203 24.89 -18.77 -10.33
C ARG A 203 23.38 -18.61 -10.19
N ILE A 204 22.85 -17.40 -10.29
CA ILE A 204 21.42 -17.15 -10.24
C ILE A 204 21.05 -16.23 -11.39
N ASN A 205 20.05 -16.62 -12.18
CA ASN A 205 19.59 -15.85 -13.34
C ASN A 205 18.10 -15.59 -13.18
N ALA A 206 17.75 -14.33 -12.91
CA ALA A 206 16.36 -13.93 -12.72
C ALA A 206 15.85 -13.37 -14.04
N GLY A 207 15.08 -14.16 -14.77
CA GLY A 207 14.51 -13.69 -16.02
C GLY A 207 13.39 -12.70 -15.79
N LEU A 208 13.24 -11.79 -16.74
CA LEU A 208 12.25 -10.73 -16.62
C LEU A 208 10.89 -11.21 -17.11
N TRP A 209 9.88 -10.34 -17.01
CA TRP A 209 8.50 -10.72 -17.25
C TRP A 209 7.77 -9.58 -17.96
N LEU A 210 6.95 -9.94 -18.95
CA LEU A 210 6.12 -8.99 -19.66
C LEU A 210 4.67 -9.11 -19.20
N GLY A 211 3.88 -8.10 -19.56
CA GLY A 211 2.51 -8.03 -19.10
C GLY A 211 2.41 -7.43 -17.72
N ASP A 212 2.12 -8.25 -16.71
CA ASP A 212 2.03 -7.79 -15.34
C ASP A 212 3.39 -8.00 -14.67
N PRO A 213 4.15 -6.94 -14.40
CA PRO A 213 5.47 -7.12 -13.81
C PRO A 213 5.36 -7.50 -12.33
N ASP A 214 6.48 -7.98 -11.79
CA ASP A 214 6.54 -8.40 -10.39
C ASP A 214 6.78 -7.18 -9.51
N VAL A 215 5.70 -6.47 -9.23
CA VAL A 215 5.72 -5.35 -8.29
C VAL A 215 4.92 -5.75 -7.05
N ASP A 216 5.16 -5.02 -5.96
CA ASP A 216 4.39 -5.23 -4.75
C ASP A 216 2.96 -4.73 -4.95
N ALA A 217 2.09 -5.12 -4.01
CA ALA A 217 0.69 -4.70 -4.08
C ALA A 217 0.53 -3.19 -3.94
N ILE A 218 1.48 -2.52 -3.29
CA ILE A 218 1.45 -1.07 -3.22
C ILE A 218 1.53 -0.45 -4.60
N THR A 219 2.48 -0.92 -5.42
CA THR A 219 2.65 -0.36 -6.75
C THR A 219 1.52 -0.78 -7.68
N ARG A 220 1.08 -2.04 -7.60
CA ARG A 220 0.03 -2.51 -8.49
C ARG A 220 -1.30 -1.81 -8.21
N LEU A 221 -1.58 -1.51 -6.94
CA LEU A 221 -2.79 -0.78 -6.61
C LEU A 221 -2.72 0.69 -7.01
N ALA A 222 -1.51 1.25 -7.15
CA ALA A 222 -1.37 2.67 -7.40
C ALA A 222 -1.39 3.02 -8.88
N VAL A 223 -0.65 2.28 -9.71
CA VAL A 223 -0.50 2.65 -11.12
C VAL A 223 -0.89 1.51 -12.05
N ARG A 224 -1.03 0.31 -11.51
CA ARG A 224 -1.37 -0.89 -12.29
C ARG A 224 -0.40 -1.03 -13.46
N PRO A 225 0.87 -1.35 -13.22
CA PRO A 225 1.86 -1.32 -14.29
C PRO A 225 1.62 -2.38 -15.35
N ASN A 226 2.12 -2.10 -16.55
CA ASN A 226 2.04 -3.01 -17.68
C ASN A 226 3.39 -3.03 -18.37
N ALA A 227 4.10 -4.17 -18.29
CA ALA A 227 5.41 -4.31 -18.90
C ALA A 227 5.22 -4.57 -20.39
N LEU A 228 5.67 -3.62 -21.23
CA LEU A 228 5.47 -3.70 -22.66
C LEU A 228 6.56 -4.49 -23.37
N ALA A 229 7.83 -4.19 -23.07
CA ALA A 229 8.93 -4.84 -23.77
C ALA A 229 10.16 -4.88 -22.87
N HIS A 230 11.10 -5.74 -23.25
CA HIS A 230 12.40 -5.85 -22.59
C HIS A 230 13.41 -5.07 -23.42
N SER A 231 13.81 -3.89 -22.93
CA SER A 231 14.65 -2.98 -23.70
C SER A 231 16.04 -2.79 -23.14
N GLY A 232 16.29 -3.16 -21.88
CA GLY A 232 17.56 -2.90 -21.25
C GLY A 232 18.61 -3.98 -21.39
N GLY A 233 18.27 -5.11 -22.02
CA GLY A 233 19.22 -6.21 -22.11
C GLY A 233 19.37 -6.95 -20.79
N SER A 234 20.56 -7.50 -20.58
CA SER A 234 20.86 -8.25 -19.38
C SER A 234 22.08 -7.67 -18.67
N VAL A 235 22.10 -7.84 -17.35
CA VAL A 235 23.17 -7.31 -16.51
C VAL A 235 23.57 -8.34 -15.47
N VAL A 236 24.80 -8.23 -15.01
CA VAL A 236 25.34 -9.04 -13.91
C VAL A 236 25.78 -8.08 -12.82
N LEU A 237 25.26 -8.27 -11.60
CA LEU A 237 25.47 -7.30 -10.52
C LEU A 237 26.76 -7.59 -9.77
N ALA A 238 27.50 -6.53 -9.48
CA ALA A 238 28.75 -6.64 -8.76
C ALA A 238 28.51 -6.83 -7.26
N GLU A 239 29.60 -7.05 -6.53
CA GLU A 239 29.52 -7.20 -5.09
C GLU A 239 29.07 -5.88 -4.46
N GLY A 240 28.07 -5.96 -3.58
CA GLY A 240 27.52 -4.79 -2.94
C GLY A 240 26.30 -4.19 -3.62
N THR A 241 25.99 -4.63 -4.84
CA THR A 241 24.80 -4.18 -5.55
C THR A 241 23.75 -5.28 -5.51
N TRP A 242 22.60 -4.97 -4.90
CA TRP A 242 21.55 -5.95 -4.66
C TRP A 242 20.29 -5.60 -5.45
N CYS A 243 19.49 -6.62 -5.75
CA CYS A 243 18.20 -6.48 -6.39
C CYS A 243 17.38 -7.70 -6.01
N PRO A 244 16.11 -7.54 -5.65
CA PRO A 244 15.31 -8.70 -5.22
C PRO A 244 15.13 -9.70 -6.35
N VAL A 245 15.17 -10.98 -6.00
CA VAL A 245 15.02 -12.08 -6.94
C VAL A 245 13.79 -12.89 -6.54
N ASN A 246 12.86 -13.07 -7.47
CA ASN A 246 11.64 -13.81 -7.21
C ASN A 246 11.79 -15.26 -7.66
N ALA A 247 10.71 -16.02 -7.55
CA ALA A 247 10.71 -17.45 -7.85
C ALA A 247 9.77 -17.80 -9.00
N GLN A 248 9.38 -16.83 -9.81
CA GLN A 248 8.46 -17.09 -10.91
C GLN A 248 9.15 -17.26 -12.26
N ASN A 249 10.40 -16.83 -12.39
CA ASN A 249 11.18 -17.03 -13.60
C ASN A 249 12.67 -16.92 -13.29
N THR A 250 13.17 -17.83 -12.46
CA THR A 250 14.52 -17.73 -11.91
C THR A 250 15.23 -19.06 -11.99
N ALA A 251 16.41 -19.07 -12.60
CA ALA A 251 17.26 -20.24 -12.68
C ALA A 251 18.33 -20.16 -11.59
N VAL A 252 18.56 -21.29 -10.91
CA VAL A 252 19.54 -21.36 -9.83
C VAL A 252 20.43 -22.57 -10.09
N HIS A 253 21.74 -22.36 -10.10
CA HIS A 253 22.67 -23.47 -10.21
C HIS A 253 22.56 -24.37 -8.99
N ARG A 254 22.75 -25.68 -9.22
CA ARG A 254 22.50 -26.66 -8.16
C ARG A 254 23.35 -26.41 -6.92
N ASP A 255 24.57 -25.87 -7.11
CA ASP A 255 25.40 -25.55 -5.95
C ASP A 255 24.78 -24.45 -5.10
N ALA A 256 24.13 -23.48 -5.75
CA ALA A 256 23.48 -22.39 -5.01
C ALA A 256 22.09 -22.75 -4.52
N LEU A 257 21.53 -23.87 -4.98
CA LEU A 257 20.17 -24.24 -4.58
C LEU A 257 19.98 -24.43 -3.07
N PRO A 258 20.95 -24.98 -2.30
CA PRO A 258 20.74 -25.09 -0.85
C PRO A 258 20.39 -23.79 -0.16
N ALA A 259 20.75 -22.66 -0.75
CA ALA A 259 20.44 -21.35 -0.19
C ALA A 259 19.16 -20.75 -0.77
N TYR A 260 18.43 -21.50 -1.60
CA TYR A 260 17.23 -21.00 -2.27
C TYR A 260 15.95 -21.53 -1.62
N TYR A 261 16.00 -21.86 -0.33
CA TYR A 261 14.83 -22.38 0.38
C TYR A 261 13.74 -21.31 0.45
N PHE A 262 12.55 -21.66 -0.04
CA PHE A 262 11.41 -20.75 -0.03
C PHE A 262 10.91 -20.58 1.40
N LEU A 263 11.07 -19.39 1.96
CA LEU A 263 10.77 -19.18 3.37
C LEU A 263 9.29 -19.40 3.66
N ARG A 264 9.01 -19.97 4.83
CA ARG A 264 7.64 -20.27 5.22
C ARG A 264 6.96 -19.00 5.73
N MET A 265 5.76 -18.73 5.22
CA MET A 265 5.02 -17.54 5.60
C MET A 265 4.03 -17.88 6.71
N GLY A 266 3.22 -16.88 7.10
CA GLY A 266 2.21 -17.06 8.12
C GLY A 266 2.57 -16.51 9.49
N GLN A 267 3.82 -16.13 9.71
CA GLN A 267 4.19 -15.58 11.01
C GLN A 267 3.59 -14.19 11.19
N PRO A 268 2.95 -13.91 12.31
CA PRO A 268 2.32 -12.59 12.50
C PRO A 268 3.33 -11.51 12.83
N VAL A 269 3.07 -10.32 12.31
CA VAL A 269 3.81 -9.11 12.66
C VAL A 269 2.80 -8.16 13.28
N ASP A 270 2.90 -7.95 14.60
CA ASP A 270 1.91 -7.20 15.36
C ASP A 270 0.52 -7.80 15.20
N GLY A 271 0.45 -9.12 15.09
CA GLY A 271 -0.81 -9.83 14.97
C GLY A 271 -1.32 -10.02 13.55
N VAL A 272 -0.60 -9.55 12.55
CA VAL A 272 -1.01 -9.66 11.15
C VAL A 272 -0.11 -10.69 10.48
N PRO A 273 -0.64 -11.82 10.00
CA PRO A 273 0.22 -12.83 9.38
C PRO A 273 0.73 -12.36 8.03
N MET A 274 2.03 -12.56 7.80
CA MET A 274 2.67 -12.16 6.56
C MET A 274 2.49 -13.24 5.50
N GLU A 275 2.54 -12.81 4.23
CA GLU A 275 2.48 -13.73 3.10
C GLU A 275 3.08 -13.04 1.88
N ARG A 276 3.18 -13.80 0.80
CA ARG A 276 3.63 -13.38 -0.53
C ARG A 276 5.10 -12.96 -0.57
N PHE A 277 5.85 -13.12 0.51
CA PHE A 277 7.26 -12.74 0.53
C PHE A 277 8.17 -13.94 0.75
N GLY A 278 7.70 -15.15 0.46
CA GLY A 278 8.54 -16.32 0.61
C GLY A 278 9.75 -16.29 -0.30
N ASP A 279 9.57 -15.79 -1.53
CA ASP A 279 10.68 -15.69 -2.47
C ASP A 279 11.45 -14.39 -2.34
N ILE A 280 10.90 -13.39 -1.66
CA ILE A 280 11.67 -12.17 -1.39
C ILE A 280 12.84 -12.48 -0.46
N PHE A 281 12.58 -13.21 0.61
CA PHE A 281 13.67 -13.61 1.51
C PHE A 281 14.60 -14.60 0.83
N SER A 282 14.05 -15.62 0.16
CA SER A 282 14.89 -16.60 -0.53
C SER A 282 15.73 -15.93 -1.60
N GLY A 283 15.16 -14.95 -2.31
CA GLY A 283 15.92 -14.23 -3.31
C GLY A 283 17.07 -13.44 -2.71
N TYR A 284 16.84 -12.79 -1.57
CA TYR A 284 17.93 -12.06 -0.93
C TYR A 284 18.90 -13.00 -0.22
N PHE A 285 18.40 -14.12 0.32
CA PHE A 285 19.26 -15.04 1.05
C PHE A 285 20.25 -15.73 0.12
N VAL A 286 19.77 -16.26 -1.00
CA VAL A 286 20.68 -16.88 -1.96
C VAL A 286 21.60 -15.84 -2.60
N GLN A 287 21.19 -14.57 -2.60
CA GLN A 287 21.99 -13.52 -3.21
C GLN A 287 23.15 -13.11 -2.30
N VAL A 288 22.87 -12.91 -1.00
CA VAL A 288 23.95 -12.58 -0.08
C VAL A 288 24.87 -13.77 0.14
N CYS A 289 24.34 -14.99 0.04
CA CYS A 289 25.19 -16.17 0.15
C CYS A 289 26.09 -16.31 -1.08
N ALA A 290 25.57 -15.98 -2.26
CA ALA A 290 26.35 -16.10 -3.48
C ALA A 290 27.53 -15.13 -3.50
N GLN A 291 27.28 -13.87 -3.12
CA GLN A 291 28.35 -12.87 -3.15
C GLN A 291 29.41 -13.16 -2.10
N HIS A 292 29.03 -13.77 -0.98
CA HIS A 292 30.03 -14.19 0.00
C HIS A 292 30.95 -15.27 -0.58
N LEU A 293 30.44 -16.10 -1.49
CA LEU A 293 31.21 -17.16 -2.11
C LEU A 293 31.78 -16.74 -3.46
N GLY A 294 31.79 -15.45 -3.78
CA GLY A 294 32.35 -14.98 -5.02
C GLY A 294 31.47 -15.19 -6.23
N HIS A 295 30.16 -15.33 -6.05
CA HIS A 295 29.23 -15.54 -7.15
C HIS A 295 28.33 -14.32 -7.31
N ALA A 296 27.62 -14.26 -8.44
CA ALA A 296 26.85 -13.09 -8.81
C ALA A 296 25.45 -13.50 -9.28
N VAL A 297 24.58 -12.50 -9.38
CA VAL A 297 23.19 -12.69 -9.82
C VAL A 297 23.02 -11.94 -11.14
N ARG A 298 22.31 -12.58 -12.07
CA ARG A 298 22.09 -12.03 -13.40
C ARG A 298 20.61 -11.73 -13.61
N PHE A 299 20.32 -10.61 -14.27
CA PHE A 299 18.96 -10.20 -14.57
C PHE A 299 18.83 -9.95 -16.06
N GLY A 300 17.68 -10.32 -16.63
CA GLY A 300 17.43 -10.09 -18.04
C GLY A 300 16.71 -11.23 -18.73
N ASP A 301 17.32 -11.78 -19.77
CA ASP A 301 16.73 -12.89 -20.50
C ASP A 301 16.94 -14.20 -19.74
N PRO A 302 16.08 -15.20 -19.98
CA PRO A 302 14.92 -15.22 -20.88
C PRO A 302 13.70 -14.52 -20.29
N VAL A 303 12.92 -13.85 -21.14
CA VAL A 303 11.73 -13.12 -20.73
C VAL A 303 10.51 -14.00 -20.91
N VAL A 304 9.59 -13.94 -19.95
CA VAL A 304 8.35 -14.71 -20.01
C VAL A 304 7.17 -13.76 -20.02
N GLU A 305 6.03 -14.29 -20.47
CA GLU A 305 4.76 -13.59 -20.35
C GLU A 305 4.15 -13.92 -19.00
N HIS A 306 3.55 -12.91 -18.37
CA HIS A 306 2.92 -13.07 -17.07
C HIS A 306 1.46 -12.64 -17.14
N PRO A 307 0.58 -13.47 -17.74
CA PRO A 307 -0.85 -13.24 -17.59
C PRO A 307 -1.28 -13.64 -16.18
N ARG A 308 -1.08 -12.72 -15.23
CA ARG A 308 -1.18 -13.04 -13.82
C ARG A 308 -2.55 -13.60 -13.47
N ASN A 309 -2.56 -14.62 -12.62
CA ASN A 309 -3.80 -15.17 -12.09
C ASN A 309 -4.60 -14.08 -11.38
N GLU A 310 -5.90 -14.28 -11.30
CA GLU A 310 -6.78 -13.32 -10.65
C GLU A 310 -6.45 -13.25 -9.16
N HIS A 311 -6.24 -12.03 -8.66
CA HIS A 311 -5.89 -11.80 -7.27
C HIS A 311 -6.74 -10.68 -6.70
N ASP A 312 -7.03 -10.78 -5.41
CA ASP A 312 -7.63 -9.69 -4.64
C ASP A 312 -6.48 -8.78 -4.23
N LEU A 313 -6.35 -7.64 -4.91
CA LEU A 313 -5.20 -6.77 -4.68
C LEU A 313 -5.18 -6.21 -3.27
N LEU A 314 -6.36 -5.89 -2.72
CA LEU A 314 -6.41 -5.44 -1.32
C LEU A 314 -6.07 -6.58 -0.36
N ASP A 315 -6.33 -7.83 -0.75
CA ASP A 315 -5.90 -8.96 0.06
C ASP A 315 -4.40 -9.20 -0.07
N ASP A 316 -3.85 -9.03 -1.28
CA ASP A 316 -2.41 -9.09 -1.46
C ASP A 316 -1.70 -8.03 -0.63
N LEU A 317 -2.25 -6.82 -0.59
CA LEU A 317 -1.67 -5.75 0.21
C LEU A 317 -1.68 -6.10 1.69
N HIS A 318 -2.81 -6.63 2.19
CA HIS A 318 -2.91 -6.98 3.59
C HIS A 318 -1.91 -8.05 3.97
N LYS A 319 -1.55 -8.92 3.02
CA LYS A 319 -0.58 -9.99 3.29
C LYS A 319 0.85 -9.48 3.26
N GLU A 320 1.17 -8.56 2.33
CA GLU A 320 2.55 -8.15 2.14
C GLU A 320 3.01 -7.13 3.17
N VAL A 321 2.09 -6.27 3.65
CA VAL A 321 2.49 -5.19 4.56
C VAL A 321 3.26 -5.70 5.79
N PRO A 322 2.84 -6.77 6.48
CA PRO A 322 3.64 -7.25 7.62
C PRO A 322 5.11 -7.51 7.28
N ALA A 323 5.41 -8.02 6.09
CA ALA A 323 6.78 -8.24 5.69
C ALA A 323 7.45 -6.95 5.23
N VAL A 324 6.71 -6.06 4.57
CA VAL A 324 7.28 -4.78 4.13
C VAL A 324 7.73 -3.95 5.33
N ARG A 325 7.02 -4.05 6.45
CA ARG A 325 7.39 -3.26 7.62
C ARG A 325 8.72 -3.67 8.22
N LEU A 326 9.22 -4.86 7.88
CA LEU A 326 10.46 -5.37 8.45
C LEU A 326 11.60 -5.46 7.44
N LEU A 327 11.31 -5.42 6.14
CA LEU A 327 12.31 -5.78 5.14
C LEU A 327 13.47 -4.79 5.11
N ASP A 328 13.18 -3.49 5.22
CA ASP A 328 14.24 -2.50 5.15
C ASP A 328 15.23 -2.67 6.30
N ASP A 329 14.73 -2.96 7.50
CA ASP A 329 15.62 -3.16 8.64
C ASP A 329 16.46 -4.41 8.50
N ILE A 330 15.86 -5.49 7.98
CA ILE A 330 16.59 -6.74 7.78
C ILE A 330 17.70 -6.53 6.75
N LEU A 331 17.38 -5.87 5.64
CA LEU A 331 18.38 -5.64 4.60
C LEU A 331 19.51 -4.73 5.09
N ASP A 332 19.19 -3.78 5.97
CA ASP A 332 20.23 -2.90 6.51
C ASP A 332 21.20 -3.67 7.39
N HIS A 333 20.69 -4.55 8.25
CA HIS A 333 21.56 -5.30 9.15
C HIS A 333 22.36 -6.37 8.41
N LEU A 334 21.81 -6.92 7.32
CA LEU A 334 22.54 -7.90 6.52
C LEU A 334 23.78 -7.30 5.85
N ARG A 335 23.78 -5.98 5.62
CA ARG A 335 24.95 -5.33 5.04
C ARG A 335 26.13 -5.34 6.01
N ASP A 336 25.86 -5.21 7.31
CA ASP A 336 26.89 -5.07 8.32
C ASP A 336 27.21 -6.38 9.03
N HIS A 337 26.69 -7.51 8.54
CA HIS A 337 26.89 -8.81 9.18
C HIS A 337 27.68 -9.73 8.27
N PRO A 338 28.98 -9.89 8.49
CA PRO A 338 29.75 -10.81 7.64
C PRO A 338 29.40 -12.25 7.92
N LEU A 339 29.46 -13.07 6.88
CA LEU A 339 29.08 -14.47 6.94
C LEU A 339 30.30 -15.36 6.85
N GLU A 340 30.10 -16.64 7.17
CA GLU A 340 31.14 -17.65 7.11
C GLU A 340 30.63 -18.85 6.31
N GLY A 341 31.56 -19.64 5.78
CA GLY A 341 31.23 -20.85 5.06
C GLY A 341 32.04 -21.04 3.80
N GLY A 342 32.27 -22.29 3.44
CA GLY A 342 33.01 -22.63 2.24
C GLY A 342 32.11 -22.96 1.07
N ASP A 343 30.90 -23.44 1.36
CA ASP A 343 29.91 -23.71 0.32
C ASP A 343 28.57 -23.06 0.68
N TYR A 344 27.53 -23.36 -0.09
CA TYR A 344 26.24 -22.72 0.16
C TYR A 344 25.56 -23.28 1.40
N LEU A 345 25.81 -24.55 1.73
CA LEU A 345 25.23 -25.12 2.95
C LEU A 345 25.78 -24.43 4.19
N GLU A 346 27.11 -24.31 4.30
CA GLU A 346 27.72 -23.67 5.45
C GLU A 346 27.35 -22.18 5.50
N THR A 347 27.29 -21.52 4.34
CA THR A 347 26.99 -20.09 4.33
C THR A 347 25.54 -19.82 4.70
N TYR A 348 24.61 -20.66 4.21
CA TYR A 348 23.20 -20.47 4.53
C TYR A 348 22.94 -20.70 6.01
N GLU A 349 23.57 -21.72 6.59
CA GLU A 349 23.43 -21.95 8.03
C GLU A 349 24.04 -20.81 8.83
N SER A 350 25.17 -20.27 8.38
CA SER A 350 25.74 -19.09 9.02
C SER A 350 24.78 -17.90 8.89
N LEU A 351 24.09 -17.80 7.76
CA LEU A 351 23.10 -16.74 7.60
C LEU A 351 21.95 -16.89 8.58
N SER A 352 21.55 -18.13 8.86
CA SER A 352 20.46 -18.37 9.80
C SER A 352 20.81 -17.88 11.20
N TYR A 353 22.06 -18.11 11.63
CA TYR A 353 22.48 -17.58 12.93
C TYR A 353 22.56 -16.06 12.92
N ALA A 354 22.94 -15.47 11.79
CA ALA A 354 22.99 -14.02 11.69
C ALA A 354 21.60 -13.40 11.83
N LEU A 355 20.58 -14.06 11.26
CA LEU A 355 19.22 -13.55 11.38
C LEU A 355 18.75 -13.55 12.83
N GLN A 356 19.21 -14.51 13.64
CA GLN A 356 18.81 -14.54 15.04
C GLN A 356 19.49 -13.41 15.83
N GLU A 357 20.72 -13.06 15.48
CA GLU A 357 21.38 -11.93 16.11
C GLU A 357 20.70 -10.62 15.71
N ILE A 358 20.28 -10.53 14.44
CA ILE A 358 19.60 -9.32 13.97
C ILE A 358 18.26 -9.16 14.67
N ALA A 359 17.57 -10.26 14.94
CA ALA A 359 16.25 -10.20 15.56
C ALA A 359 16.27 -9.56 16.93
N GLU A 360 17.43 -9.53 17.60
CA GLU A 360 17.52 -8.96 18.93
C GLU A 360 18.16 -7.57 18.95
N ARG A 361 18.91 -7.20 17.93
CA ARG A 361 19.53 -5.89 17.87
C ARG A 361 18.69 -4.86 17.13
N VAL A 362 17.77 -5.29 16.27
CA VAL A 362 17.02 -4.35 15.44
C VAL A 362 16.02 -3.60 16.30
N ASN A 363 15.83 -2.32 15.98
CA ASN A 363 14.88 -1.46 16.68
C ASN A 363 13.86 -0.92 15.69
N GLY A 364 12.63 -0.73 16.17
CA GLY A 364 11.58 -0.21 15.34
C GLY A 364 10.22 -0.44 15.95
N ARG A 365 9.25 0.35 15.48
CA ARG A 365 7.89 0.24 16.00
C ARG A 365 7.22 -1.07 15.57
N ALA A 366 7.65 -1.62 14.43
CA ALA A 366 7.07 -2.86 13.91
C ALA A 366 7.70 -4.11 14.52
N TRP A 367 8.68 -3.96 15.40
CA TRP A 367 9.42 -5.10 15.95
C TRP A 367 8.84 -5.51 17.29
N SER A 368 7.61 -6.02 17.23
CA SER A 368 6.95 -6.62 18.38
C SER A 368 7.57 -7.97 18.68
N PRO A 369 7.28 -8.54 19.86
CA PRO A 369 7.84 -9.87 20.18
C PRO A 369 7.53 -10.94 19.13
N ASP A 370 6.35 -10.91 18.50
CA ASP A 370 6.07 -11.90 17.46
C ASP A 370 6.87 -11.61 16.20
N ALA A 371 7.19 -10.34 15.93
CA ALA A 371 8.00 -10.02 14.76
C ALA A 371 9.44 -10.49 14.94
N ARG A 372 10.00 -10.31 16.13
CA ARG A 372 11.36 -10.79 16.40
C ARG A 372 11.41 -12.31 16.38
N ALA A 373 10.38 -12.96 16.92
CA ALA A 373 10.35 -14.42 16.94
C ALA A 373 10.14 -15.01 15.54
N PHE A 374 9.67 -14.20 14.59
CA PHE A 374 9.55 -14.67 13.22
C PHE A 374 10.92 -15.03 12.64
N LEU A 375 11.93 -14.22 12.92
CA LEU A 375 13.27 -14.51 12.41
C LEU A 375 13.86 -15.75 13.08
N HIS A 376 13.52 -16.00 14.35
CA HIS A 376 14.07 -17.15 15.06
C HIS A 376 13.48 -18.45 14.54
N ARG A 377 12.16 -18.49 14.31
CA ARG A 377 11.56 -19.70 13.76
C ARG A 377 11.97 -19.92 12.32
N SER A 378 12.09 -18.84 11.55
CA SER A 378 12.56 -18.96 10.17
C SER A 378 13.97 -19.52 10.12
N ALA A 379 14.83 -19.09 11.04
CA ALA A 379 16.21 -19.59 11.08
C ALA A 379 16.24 -21.08 11.38
N HIS A 380 15.38 -21.54 12.28
CA HIS A 380 15.32 -22.97 12.56
C HIS A 380 14.84 -23.76 11.35
N LEU A 381 13.86 -23.22 10.62
CA LEU A 381 13.37 -23.89 9.42
C LEU A 381 14.43 -23.88 8.31
N MET A 382 15.28 -22.86 8.28
CA MET A 382 16.37 -22.83 7.32
C MET A 382 17.39 -23.93 7.62
N ARG A 383 17.76 -24.10 8.89
CA ARG A 383 18.68 -25.16 9.26
C ARG A 383 18.02 -26.54 9.16
N SER A 384 16.70 -26.61 9.31
CA SER A 384 15.99 -27.85 9.06
C SER A 384 16.02 -28.21 7.58
N TRP A 385 15.96 -27.20 6.71
CA TRP A 385 16.06 -27.44 5.28
C TRP A 385 17.46 -27.90 4.88
N THR A 386 18.50 -27.30 5.47
CA THR A 386 19.86 -27.72 5.16
C THR A 386 20.15 -29.12 5.73
N GLY A 387 19.56 -29.45 6.87
CA GLY A 387 19.73 -30.78 7.42
C GLY A 387 19.16 -31.87 6.54
N ALA A 388 18.06 -31.58 5.85
CA ALA A 388 17.49 -32.57 4.93
C ALA A 388 18.38 -32.75 3.71
N LEU A 389 18.98 -31.66 3.21
CA LEU A 389 19.88 -31.77 2.08
C LEU A 389 21.14 -32.54 2.44
N ARG A 390 21.62 -32.39 3.67
CA ARG A 390 22.79 -33.15 4.11
C ARG A 390 22.47 -34.62 4.32
N THR A 391 21.19 -34.97 4.48
CA THR A 391 20.80 -36.36 4.64
C THR A 391 20.89 -37.11 3.31
N VAL A 392 20.37 -36.52 2.24
CA VAL A 392 20.43 -37.17 0.94
C VAL A 392 21.86 -37.16 0.39
N ALA A 393 22.64 -36.14 0.75
CA ALA A 393 24.01 -36.04 0.27
C ALA A 393 24.91 -37.11 0.91
N ARG B 23 -23.02 39.51 2.06
CA ARG B 23 -23.74 40.37 3.00
C ARG B 23 -23.34 40.06 4.44
N ASP B 24 -22.16 40.54 4.82
CA ASP B 24 -21.61 40.34 6.17
C ASP B 24 -21.50 38.85 6.49
N ILE B 25 -20.48 38.20 5.92
CA ILE B 25 -20.27 36.76 6.10
C ILE B 25 -19.15 36.55 7.11
N SER B 26 -19.40 35.70 8.10
CA SER B 26 -18.41 35.37 9.12
C SER B 26 -17.76 34.04 8.81
N THR B 27 -16.44 33.97 9.02
CA THR B 27 -15.66 32.77 8.73
C THR B 27 -14.78 32.45 9.93
N ALA B 28 -14.83 31.20 10.39
CA ALA B 28 -13.97 30.71 11.44
C ALA B 28 -13.15 29.54 10.92
N VAL B 29 -11.84 29.59 11.11
CA VAL B 29 -10.92 28.54 10.68
C VAL B 29 -10.58 27.66 11.88
N VAL B 30 -10.64 26.35 11.69
CA VAL B 30 -10.41 25.38 12.76
C VAL B 30 -9.15 24.60 12.42
N VAL B 31 -8.19 24.62 13.34
CA VAL B 31 -6.93 23.87 13.21
C VAL B 31 -6.59 23.28 14.56
N THR B 32 -6.31 21.98 14.61
CA THR B 32 -5.76 21.33 15.79
C THR B 32 -4.33 20.92 15.49
N THR B 33 -3.44 21.12 16.47
CA THR B 33 -2.02 20.98 16.19
C THR B 33 -1.26 20.66 17.46
N ILE B 34 -0.08 20.06 17.28
CA ILE B 34 0.87 19.80 18.34
C ILE B 34 2.21 20.48 18.04
N SER B 35 2.21 21.42 17.09
CA SER B 35 3.43 22.10 16.67
C SER B 35 3.77 23.20 17.67
N ASP B 36 4.78 24.00 17.35
CA ASP B 36 5.20 25.13 18.18
C ASP B 36 4.53 26.44 17.80
N GLY B 37 3.67 26.44 16.77
CA GLY B 37 2.98 27.64 16.36
C GLY B 37 3.67 28.43 15.26
N GLY B 38 4.80 27.95 14.74
CA GLY B 38 5.48 28.62 13.64
C GLY B 38 4.67 28.71 12.37
N PHE B 39 3.74 27.79 12.15
CA PHE B 39 2.89 27.83 10.95
C PHE B 39 2.00 29.06 10.91
N LEU B 40 1.75 29.70 12.05
CA LEU B 40 0.93 30.90 12.08
C LEU B 40 1.54 32.05 11.29
N ASP B 41 2.86 32.05 11.08
CA ASP B 41 3.50 33.14 10.35
C ASP B 41 3.00 33.22 8.91
N ARG B 42 2.70 32.08 8.29
CA ARG B 42 2.22 32.04 6.92
C ARG B 42 0.71 31.84 6.82
N LEU B 43 0.05 31.48 7.91
CA LEU B 43 -1.40 31.29 7.91
C LEU B 43 -2.16 32.55 8.32
N ALA B 44 -1.59 33.34 9.23
CA ALA B 44 -2.29 34.52 9.72
C ALA B 44 -2.57 35.59 8.66
N PRO B 45 -1.63 35.96 7.76
CA PRO B 45 -1.90 37.10 6.87
C PRO B 45 -3.21 37.04 6.10
N ALA B 46 -3.54 35.90 5.48
CA ALA B 46 -4.79 35.81 4.74
C ALA B 46 -6.00 35.82 5.66
N LEU B 47 -5.87 35.24 6.86
CA LEU B 47 -6.96 35.23 7.82
C LEU B 47 -7.11 36.57 8.54
N ARG B 48 -5.99 37.25 8.80
CA ARG B 48 -6.04 38.51 9.51
C ARG B 48 -6.60 39.63 8.63
N ASP B 49 -6.23 39.64 7.34
CA ASP B 49 -6.72 40.67 6.44
C ASP B 49 -8.23 40.55 6.22
N ALA B 50 -8.77 39.34 6.27
CA ALA B 50 -10.20 39.11 6.08
C ALA B 50 -10.98 39.18 7.38
N GLY B 51 -10.32 39.40 8.51
CA GLY B 51 -11.01 39.47 9.78
C GLY B 51 -11.61 38.18 10.26
N ALA B 52 -11.15 37.04 9.73
CA ALA B 52 -11.69 35.76 10.12
C ALA B 52 -11.11 35.31 11.45
N ARG B 53 -11.86 34.47 12.15
CA ARG B 53 -11.42 33.90 13.42
C ARG B 53 -10.66 32.60 13.18
N LEU B 54 -9.57 32.42 13.92
CA LEU B 54 -8.80 31.19 13.91
C LEU B 54 -8.97 30.50 15.26
N ILE B 55 -9.52 29.30 15.26
CA ILE B 55 -9.70 28.51 16.46
C ILE B 55 -8.63 27.42 16.46
N VAL B 56 -7.61 27.58 17.29
CA VAL B 56 -6.54 26.60 17.42
C VAL B 56 -6.86 25.70 18.60
N ILE B 57 -6.93 24.39 18.33
CA ILE B 57 -7.27 23.42 19.38
C ILE B 57 -6.00 22.66 19.79
N PRO B 58 -5.40 23.01 20.93
CA PRO B 58 -4.23 22.26 21.40
C PRO B 58 -4.65 20.95 22.04
N ASP B 59 -3.65 20.13 22.33
CA ASP B 59 -3.85 18.81 22.93
C ASP B 59 -2.96 18.70 24.16
N ARG B 60 -3.06 17.56 24.85
CA ARG B 60 -2.20 17.33 26.01
C ARG B 60 -0.73 17.23 25.60
N ASN B 61 -0.45 16.70 24.41
CA ASN B 61 0.92 16.59 23.91
C ASN B 61 1.34 17.82 23.10
N THR B 62 0.69 18.96 23.32
CA THR B 62 1.06 20.22 22.67
C THR B 62 1.91 21.04 23.62
N GLY B 63 3.09 21.46 23.14
CA GLY B 63 3.99 22.25 23.93
C GLY B 63 3.47 23.64 24.21
N PRO B 64 4.08 24.33 25.18
CA PRO B 64 3.61 25.68 25.54
C PRO B 64 3.96 26.74 24.52
N ALA B 65 4.80 26.44 23.52
CA ALA B 65 5.19 27.45 22.54
C ALA B 65 4.02 27.83 21.64
N LEU B 66 3.07 26.92 21.43
CA LEU B 66 1.90 27.24 20.61
C LEU B 66 1.08 28.35 21.24
N PHE B 67 0.90 28.31 22.57
CA PHE B 67 0.14 29.34 23.24
C PHE B 67 0.82 30.70 23.14
N ALA B 68 2.15 30.71 23.18
CA ALA B 68 2.88 31.96 23.01
C ALA B 68 2.79 32.47 21.58
N ALA B 69 2.73 31.56 20.60
CA ALA B 69 2.61 31.98 19.20
C ALA B 69 1.23 32.55 18.90
N CYS B 70 0.18 32.00 19.53
CA CYS B 70 -1.16 32.53 19.33
C CYS B 70 -1.29 33.94 19.89
N GLU B 71 -0.76 34.17 21.10
CA GLU B 71 -0.81 35.49 21.68
C GLU B 71 0.04 36.49 20.90
N ARG B 72 1.17 36.05 20.35
CA ARG B 72 2.01 36.94 19.55
C ARG B 72 1.27 37.37 18.28
N HIS B 73 0.56 36.45 17.63
CA HIS B 73 -0.21 36.80 16.45
C HIS B 73 -1.51 37.50 16.80
N ARG B 74 -2.05 37.26 18.00
CA ARG B 74 -3.24 37.98 18.43
C ARG B 74 -2.94 39.48 18.56
N ARG B 75 -1.77 39.82 19.09
CA ARG B 75 -1.38 41.22 19.20
C ARG B 75 -1.12 41.85 17.85
N LEU B 76 -0.88 41.05 16.81
CA LEU B 76 -0.67 41.57 15.46
C LEU B 76 -1.98 41.83 14.73
N GLY B 77 -3.13 41.50 15.32
CA GLY B 77 -4.43 41.74 14.71
C GLY B 77 -5.21 40.51 14.35
N LEU B 78 -4.68 39.31 14.58
CA LEU B 78 -5.39 38.09 14.24
C LEU B 78 -6.35 37.71 15.37
N ASP B 79 -7.62 37.50 15.01
CA ASP B 79 -8.64 37.04 15.96
C ASP B 79 -8.46 35.53 16.13
N VAL B 80 -7.50 35.17 16.97
CA VAL B 80 -7.15 33.77 17.21
C VAL B 80 -7.47 33.41 18.65
N VAL B 81 -8.05 32.23 18.85
CA VAL B 81 -8.31 31.69 20.18
C VAL B 81 -7.64 30.33 20.28
N CYS B 82 -7.18 29.99 21.48
CA CYS B 82 -6.49 28.73 21.74
C CYS B 82 -6.90 28.24 23.12
N PRO B 83 -8.05 27.57 23.22
CA PRO B 83 -8.54 27.14 24.53
C PRO B 83 -7.73 25.96 25.06
N SER B 84 -7.31 26.06 26.32
CA SER B 84 -6.54 24.99 26.94
C SER B 84 -7.40 23.73 27.06
N VAL B 85 -6.73 22.60 27.32
CA VAL B 85 -7.43 21.33 27.43
C VAL B 85 -8.39 21.35 28.60
N ALA B 86 -8.11 22.17 29.62
CA ALA B 86 -9.06 22.31 30.73
C ALA B 86 -10.31 23.04 30.29
N GLU B 87 -10.16 24.09 29.47
CA GLU B 87 -11.32 24.79 28.94
C GLU B 87 -12.10 23.94 27.96
N GLN B 88 -11.41 23.11 27.18
CA GLN B 88 -12.09 22.20 26.27
C GLN B 88 -12.90 21.16 27.03
N GLN B 89 -12.29 20.53 28.02
CA GLN B 89 -12.97 19.48 28.78
C GLN B 89 -14.15 20.04 29.57
N ASP B 90 -14.04 21.26 30.09
CA ASP B 90 -15.17 21.86 30.78
C ASP B 90 -16.33 22.09 29.83
N LEU B 91 -16.06 22.55 28.61
CA LEU B 91 -17.11 22.74 27.62
C LEU B 91 -17.77 21.41 27.25
N LEU B 92 -16.94 20.39 26.99
CA LEU B 92 -17.49 19.10 26.59
C LEU B 92 -18.23 18.42 27.73
N GLU B 93 -17.86 18.73 28.98
CA GLU B 93 -18.57 18.16 30.13
C GLU B 93 -19.93 18.82 30.35
N ARG B 94 -20.03 20.12 30.09
CA ARG B 94 -21.32 20.81 30.23
C ARG B 94 -22.32 20.32 29.19
N LEU B 95 -21.85 19.81 28.06
CA LEU B 95 -22.72 19.32 26.99
C LEU B 95 -22.95 17.82 27.06
N ALA B 96 -22.65 17.19 28.21
CA ALA B 96 -22.90 15.77 28.44
C ALA B 96 -22.16 14.89 27.45
N VAL B 97 -20.99 15.32 27.00
CA VAL B 97 -20.15 14.51 26.11
C VAL B 97 -18.70 14.56 26.58
N PRO B 98 -18.39 14.10 27.80
CA PRO B 98 -17.00 14.19 28.27
C PRO B 98 -16.08 13.14 27.68
N ASP B 99 -16.62 12.03 27.17
CA ASP B 99 -15.82 10.94 26.64
C ASP B 99 -15.90 10.83 25.12
N LEU B 100 -16.51 11.82 24.46
CA LEU B 100 -16.69 11.74 23.01
C LEU B 100 -15.37 11.92 22.26
N ILE B 101 -14.59 12.92 22.66
CA ILE B 101 -13.40 13.33 21.92
C ILE B 101 -12.17 12.91 22.72
N PRO B 102 -11.32 12.05 22.20
CA PRO B 102 -10.14 11.61 22.94
C PRO B 102 -8.98 12.61 22.80
N TYR B 103 -7.99 12.43 23.66
CA TYR B 103 -6.79 13.24 23.64
C TYR B 103 -5.67 12.50 22.90
N HIS B 104 -4.57 13.21 22.68
CA HIS B 104 -3.44 12.70 21.89
C HIS B 104 -3.90 12.25 20.51
N SER B 105 -4.75 13.05 19.88
CA SER B 105 -5.34 12.70 18.61
C SER B 105 -5.83 13.97 17.90
N ASP B 106 -5.72 13.97 16.58
CA ASP B 106 -6.24 15.09 15.80
C ASP B 106 -7.76 15.09 15.73
N ASN B 107 -8.42 14.15 16.41
CA ASN B 107 -9.88 14.19 16.53
C ASN B 107 -10.35 15.40 17.32
N ARG B 108 -9.45 16.08 18.03
CA ARG B 108 -9.83 17.23 18.84
C ARG B 108 -10.26 18.42 17.99
N ARG B 109 -10.10 18.37 16.67
CA ARG B 109 -10.63 19.43 15.81
C ARG B 109 -12.16 19.51 15.90
N ASN B 110 -12.81 18.44 16.36
CA ASN B 110 -14.25 18.49 16.60
C ASN B 110 -14.60 19.54 17.64
N VAL B 111 -13.71 19.77 18.62
CA VAL B 111 -13.91 20.87 19.56
C VAL B 111 -13.97 22.20 18.81
N GLY B 112 -13.09 22.38 17.83
CA GLY B 112 -13.13 23.58 17.02
C GLY B 112 -14.39 23.67 16.18
N TYR B 113 -14.82 22.55 15.61
CA TYR B 113 -16.10 22.52 14.89
C TYR B 113 -17.24 22.94 15.81
N LEU B 114 -17.25 22.43 17.04
CA LEU B 114 -18.31 22.75 17.99
C LEU B 114 -18.27 24.21 18.39
N MET B 115 -17.07 24.73 18.69
CA MET B 115 -16.95 26.12 19.13
C MET B 115 -17.38 27.09 18.02
N ALA B 116 -16.93 26.85 16.79
CA ALA B 116 -17.31 27.71 15.68
C ALA B 116 -18.81 27.65 15.43
N TRP B 117 -19.44 26.52 15.72
CA TRP B 117 -20.88 26.39 15.50
C TRP B 117 -21.68 27.09 16.60
N MET B 118 -21.21 27.02 17.84
CA MET B 118 -21.89 27.69 18.94
C MET B 118 -21.88 29.20 18.79
N GLU B 119 -20.81 29.74 18.21
CA GLU B 119 -20.65 31.19 18.07
C GLU B 119 -21.32 31.76 16.83
N GLY B 120 -22.02 30.93 16.06
CA GLY B 120 -22.84 31.41 14.96
C GLY B 120 -22.09 31.79 13.71
N PHE B 121 -20.90 31.26 13.49
CA PHE B 121 -20.16 31.57 12.28
C PHE B 121 -20.85 30.98 11.05
N ASP B 122 -20.77 31.70 9.94
CA ASP B 122 -21.40 31.24 8.71
C ASP B 122 -20.57 30.17 8.03
N VAL B 123 -19.26 30.34 7.98
CA VAL B 123 -18.35 29.42 7.29
C VAL B 123 -17.39 28.83 8.33
N ILE B 124 -17.20 27.51 8.25
CA ILE B 124 -16.25 26.79 9.09
C ILE B 124 -15.23 26.16 8.13
N VAL B 125 -13.99 26.64 8.19
CA VAL B 125 -12.93 26.17 7.30
C VAL B 125 -12.03 25.24 8.10
N SER B 126 -12.06 23.96 7.77
CA SER B 126 -11.21 22.97 8.42
C SER B 126 -9.84 22.93 7.72
N MET B 127 -8.77 23.11 8.50
CA MET B 127 -7.43 23.10 7.97
C MET B 127 -6.49 22.39 8.93
N ASP B 128 -5.32 22.01 8.42
CA ASP B 128 -4.23 21.47 9.21
C ASP B 128 -3.11 22.51 9.33
N ASP B 129 -2.14 22.22 10.20
CA ASP B 129 -1.08 23.18 10.46
C ASP B 129 -0.01 23.21 9.38
N ASP B 130 -0.14 22.42 8.32
CA ASP B 130 0.81 22.42 7.21
C ASP B 130 0.16 22.81 5.89
N ASN B 131 -1.02 23.42 5.95
CA ASN B 131 -1.71 23.93 4.77
C ASN B 131 -1.72 25.45 4.85
N LEU B 132 -1.08 26.10 3.87
CA LEU B 132 -0.87 27.53 3.90
C LEU B 132 -1.48 28.19 2.68
N PRO B 133 -2.28 29.24 2.84
CA PRO B 133 -2.90 29.89 1.68
C PRO B 133 -1.86 30.47 0.74
N THR B 134 -2.22 30.49 -0.55
CA THR B 134 -1.33 31.02 -1.58
C THR B 134 -1.83 32.34 -2.17
N THR B 135 -3.07 32.73 -1.90
CA THR B 135 -3.65 33.94 -2.47
C THR B 135 -4.28 34.77 -1.35
N ASP B 136 -4.49 36.05 -1.64
CA ASP B 136 -5.05 36.94 -0.63
C ASP B 136 -6.55 36.72 -0.44
N ASP B 137 -7.25 36.25 -1.48
CA ASP B 137 -8.68 36.00 -1.41
C ASP B 137 -9.02 34.61 -0.88
N PHE B 138 -8.19 34.07 0.01
CA PHE B 138 -8.41 32.72 0.52
C PHE B 138 -9.76 32.60 1.21
N VAL B 139 -10.06 33.54 2.11
CA VAL B 139 -11.34 33.48 2.84
C VAL B 139 -12.50 33.79 1.90
N GLU B 140 -12.33 34.74 0.99
CA GLU B 140 -13.41 35.10 0.07
C GLU B 140 -13.79 33.92 -0.82
N ARG B 141 -12.81 33.16 -1.30
CA ARG B 141 -13.10 32.00 -2.12
C ARG B 141 -13.84 30.93 -1.33
N HIS B 142 -13.47 30.76 -0.06
CA HIS B 142 -14.16 29.78 0.78
C HIS B 142 -15.58 30.20 1.13
N GLN B 143 -15.91 31.48 0.95
CA GLN B 143 -17.27 31.96 1.20
C GLN B 143 -18.28 31.46 0.17
N VAL B 144 -17.85 30.68 -0.82
CA VAL B 144 -18.75 30.17 -1.84
C VAL B 144 -19.81 29.26 -1.26
N VAL B 145 -19.61 28.75 -0.03
CA VAL B 145 -20.62 27.92 0.63
C VAL B 145 -21.78 28.73 1.19
N CYS B 146 -21.72 30.06 1.10
CA CYS B 146 -22.84 30.93 1.45
C CYS B 146 -23.50 31.52 0.21
N GLN B 147 -23.23 30.95 -0.97
CA GLN B 147 -23.75 31.51 -2.20
C GLN B 147 -25.26 31.30 -2.31
N GLY B 148 -25.73 30.10 -2.00
CA GLY B 148 -27.14 29.79 -2.11
C GLY B 148 -27.47 29.07 -3.40
N PRO B 149 -28.71 28.62 -3.54
CA PRO B 149 -29.10 27.89 -4.75
C PRO B 149 -29.16 28.80 -5.96
N ARG B 150 -28.69 28.28 -7.10
CA ARG B 150 -28.75 28.98 -8.37
C ARG B 150 -28.38 28.00 -9.47
N THR B 151 -28.82 28.29 -10.69
CA THR B 151 -28.45 27.49 -11.85
C THR B 151 -27.00 27.78 -12.22
N GLN B 152 -26.17 26.73 -12.28
CA GLN B 152 -24.75 26.89 -12.48
C GLN B 152 -24.22 25.66 -13.20
N PRO B 153 -23.04 25.73 -13.79
CA PRO B 153 -22.44 24.55 -14.42
C PRO B 153 -22.20 23.45 -13.39
N VAL B 154 -22.79 22.28 -13.65
CA VAL B 154 -22.72 21.14 -12.75
C VAL B 154 -22.05 19.98 -13.49
N THR B 155 -21.13 19.30 -12.81
CA THR B 155 -20.29 18.28 -13.42
C THR B 155 -20.75 16.90 -12.96
N ALA B 156 -21.06 16.03 -13.92
CA ALA B 156 -21.49 14.67 -13.64
C ALA B 156 -20.53 13.68 -14.30
N SER B 157 -20.49 12.47 -13.75
CA SER B 157 -19.62 11.41 -14.23
C SER B 157 -20.42 10.13 -14.39
N SER B 158 -20.17 9.41 -15.48
CA SER B 158 -20.94 8.20 -15.78
C SER B 158 -20.72 7.12 -14.74
N ASP B 159 -19.52 7.00 -14.18
CA ASP B 159 -19.25 5.99 -13.17
C ASP B 159 -19.60 6.44 -11.76
N GLY B 160 -20.09 7.68 -11.61
CA GLY B 160 -20.47 8.18 -10.30
C GLY B 160 -19.34 8.71 -9.46
N TRP B 161 -18.13 8.84 -10.01
CA TRP B 161 -16.97 9.30 -9.27
C TRP B 161 -16.25 10.39 -10.05
N PHE B 162 -15.69 11.35 -9.32
CA PHE B 162 -14.90 12.43 -9.90
C PHE B 162 -13.55 12.47 -9.21
N ASN B 163 -12.47 12.54 -10.01
CA ASN B 163 -11.11 12.60 -9.50
C ASN B 163 -10.69 14.06 -9.46
N ASN B 164 -10.70 14.65 -8.27
CA ASN B 164 -10.33 16.05 -8.12
C ASN B 164 -8.86 16.29 -8.38
N CYS B 165 -8.01 15.26 -8.27
CA CYS B 165 -6.61 15.42 -8.60
C CYS B 165 -6.38 15.65 -10.09
N ALA B 166 -7.37 15.31 -10.93
CA ALA B 166 -7.28 15.64 -12.35
C ALA B 166 -7.34 17.14 -12.60
N LEU B 167 -7.75 17.93 -11.60
CA LEU B 167 -7.71 19.38 -11.70
C LEU B 167 -6.32 19.94 -11.44
N LEU B 168 -5.34 19.10 -11.14
CA LEU B 168 -3.99 19.52 -10.81
C LEU B 168 -2.99 18.93 -11.80
N GLU B 169 -1.85 19.60 -11.90
CA GLU B 169 -0.71 19.07 -12.65
C GLU B 169 0.16 18.29 -11.67
N VAL B 170 0.16 16.97 -11.82
CA VAL B 170 0.82 16.07 -10.87
C VAL B 170 1.89 15.28 -11.60
N GLU B 171 3.08 15.22 -11.01
CA GLU B 171 4.20 14.40 -11.44
C GLU B 171 4.43 13.27 -10.44
N PRO B 172 4.91 12.10 -10.89
CA PRO B 172 5.28 11.77 -12.27
C PRO B 172 4.15 11.14 -13.09
N THR B 173 3.00 10.91 -12.46
CA THR B 173 1.88 10.25 -13.15
C THR B 173 0.58 10.68 -12.50
N GLU B 174 -0.53 10.30 -13.13
CA GLU B 174 -1.84 10.63 -12.60
C GLU B 174 -2.09 9.87 -11.31
N VAL B 175 -2.72 10.54 -10.34
CA VAL B 175 -3.00 9.96 -9.03
C VAL B 175 -4.47 10.17 -8.70
N PHE B 176 -4.92 9.47 -7.67
CA PHE B 176 -6.25 9.60 -7.11
C PHE B 176 -6.16 10.14 -5.69
N PRO B 177 -7.19 10.85 -5.23
CA PRO B 177 -7.15 11.41 -3.87
C PRO B 177 -7.29 10.32 -2.82
N ARG B 178 -6.86 10.65 -1.61
CA ARG B 178 -7.04 9.75 -0.48
C ARG B 178 -8.53 9.53 -0.21
N GLY B 179 -8.91 8.27 -0.05
CA GLY B 179 -10.29 7.91 0.15
C GLY B 179 -11.05 7.56 -1.11
N PHE B 180 -10.43 7.69 -2.27
CA PHE B 180 -11.08 7.30 -3.51
C PHE B 180 -11.22 5.78 -3.57
N PRO B 181 -12.39 5.27 -3.94
CA PRO B 181 -12.58 3.81 -3.97
C PRO B 181 -11.66 3.14 -4.97
N PHE B 182 -11.00 2.07 -4.53
CA PHE B 182 -10.04 1.39 -5.39
C PHE B 182 -10.69 0.57 -6.48
N HIS B 183 -11.93 0.08 -6.25
CA HIS B 183 -12.57 -0.76 -7.25
C HIS B 183 -12.91 0.01 -8.51
N ALA B 184 -13.11 1.33 -8.40
CA ALA B 184 -13.51 2.16 -9.53
C ALA B 184 -12.35 2.87 -10.20
N ARG B 185 -11.11 2.65 -9.74
CA ARG B 185 -9.98 3.37 -10.31
C ARG B 185 -9.61 2.90 -11.72
N PRO B 186 -9.50 1.58 -12.01
CA PRO B 186 -9.07 1.19 -13.36
C PRO B 186 -10.01 1.64 -14.47
N ALA B 187 -11.32 1.50 -14.27
CA ALA B 187 -12.29 1.85 -15.29
C ALA B 187 -12.69 3.32 -15.28
N HIS B 188 -12.09 4.12 -14.39
CA HIS B 188 -12.46 5.54 -14.31
C HIS B 188 -11.98 6.32 -15.52
N ALA B 189 -10.90 5.87 -16.16
CA ALA B 189 -10.39 6.57 -17.34
C ALA B 189 -11.38 6.50 -18.50
N GLN B 190 -12.22 5.48 -18.54
CA GLN B 190 -13.24 5.34 -19.57
C GLN B 190 -14.55 6.03 -19.21
N ALA B 191 -14.64 6.63 -18.04
CA ALA B 191 -15.88 7.29 -17.64
C ALA B 191 -16.09 8.57 -18.42
N ARG B 192 -17.37 8.88 -18.67
CA ARG B 192 -17.75 10.08 -19.41
C ARG B 192 -18.02 11.22 -18.45
N THR B 193 -17.38 12.36 -18.68
CA THR B 193 -17.55 13.56 -17.88
C THR B 193 -18.34 14.59 -18.67
N SER B 194 -19.48 15.02 -18.13
CA SER B 194 -20.34 15.99 -18.80
C SER B 194 -20.67 17.12 -17.84
N VAL B 195 -20.85 18.32 -18.40
CA VAL B 195 -21.20 19.52 -17.64
C VAL B 195 -22.54 20.03 -18.14
N CYS B 196 -23.44 20.34 -17.22
CA CYS B 196 -24.78 20.80 -17.55
C CYS B 196 -25.17 21.95 -16.62
N GLU B 197 -26.07 22.80 -17.11
CA GLU B 197 -26.62 23.90 -16.33
C GLU B 197 -27.80 23.37 -15.52
N ARG B 198 -27.60 23.23 -14.21
CA ARG B 198 -28.63 22.70 -13.32
C ARG B 198 -28.62 23.50 -12.03
N PRO B 199 -29.76 23.59 -11.34
CA PRO B 199 -29.78 24.23 -10.02
C PRO B 199 -28.90 23.46 -9.03
N ALA B 200 -28.11 24.20 -8.27
CA ALA B 200 -27.21 23.60 -7.29
C ALA B 200 -27.03 24.56 -6.12
N ASP B 201 -26.78 23.99 -4.95
CA ASP B 201 -26.60 24.76 -3.72
C ASP B 201 -25.29 24.29 -3.07
N VAL B 202 -24.22 25.05 -3.25
CA VAL B 202 -22.90 24.67 -2.74
C VAL B 202 -22.87 24.93 -1.24
N ARG B 203 -22.66 23.86 -0.46
CA ARG B 203 -22.51 23.97 0.98
C ARG B 203 -21.17 23.46 1.50
N ILE B 204 -20.40 22.75 0.67
CA ILE B 204 -19.06 22.27 1.04
C ILE B 204 -18.12 22.60 -0.12
N ASN B 205 -17.00 23.24 0.20
CA ASN B 205 -16.01 23.63 -0.79
C ASN B 205 -14.66 23.05 -0.38
N ALA B 206 -14.18 22.08 -1.13
CA ALA B 206 -12.89 21.43 -0.87
C ALA B 206 -11.83 22.10 -1.74
N GLY B 207 -11.06 23.00 -1.12
CA GLY B 207 -9.95 23.60 -1.82
C GLY B 207 -8.84 22.61 -2.08
N LEU B 208 -8.11 22.83 -3.18
CA LEU B 208 -7.05 21.92 -3.58
C LEU B 208 -5.73 22.29 -2.91
N TRP B 209 -4.69 21.52 -3.22
CA TRP B 209 -3.42 21.62 -2.50
C TRP B 209 -2.26 21.41 -3.46
N LEU B 210 -1.25 22.26 -3.36
CA LEU B 210 -0.03 22.12 -4.13
C LEU B 210 1.07 21.49 -3.27
N GLY B 211 2.15 21.09 -3.93
CA GLY B 211 3.23 20.40 -3.24
C GLY B 211 2.93 18.92 -3.06
N ASP B 212 2.64 18.52 -1.83
CA ASP B 212 2.28 17.13 -1.55
C ASP B 212 0.77 17.00 -1.61
N PRO B 213 0.21 16.36 -2.63
CA PRO B 213 -1.25 16.25 -2.71
C PRO B 213 -1.78 15.25 -1.70
N ASP B 214 -3.09 15.31 -1.47
CA ASP B 214 -3.74 14.43 -0.50
C ASP B 214 -4.05 13.10 -1.18
N VAL B 215 -3.04 12.23 -1.18
CA VAL B 215 -3.20 10.86 -1.64
C VAL B 215 -3.02 9.93 -0.46
N ASP B 216 -3.46 8.69 -0.62
CA ASP B 216 -3.25 7.69 0.42
C ASP B 216 -1.80 7.26 0.45
N ALA B 217 -1.43 6.52 1.51
CA ALA B 217 -0.06 6.07 1.67
C ALA B 217 0.35 5.10 0.56
N ILE B 218 -0.63 4.38 -0.03
CA ILE B 218 -0.33 3.48 -1.13
C ILE B 218 0.24 4.27 -2.31
N THR B 219 -0.41 5.39 -2.66
CA THR B 219 0.04 6.19 -3.78
C THR B 219 1.35 6.91 -3.45
N ARG B 220 1.45 7.49 -2.25
CA ARG B 220 2.65 8.25 -1.90
C ARG B 220 3.88 7.36 -1.83
N LEU B 221 3.72 6.11 -1.41
CA LEU B 221 4.86 5.19 -1.38
C LEU B 221 5.27 4.75 -2.78
N ALA B 222 4.32 4.71 -3.72
CA ALA B 222 4.57 4.17 -5.05
C ALA B 222 5.18 5.20 -6.00
N VAL B 223 4.62 6.39 -6.07
CA VAL B 223 5.04 7.39 -7.05
C VAL B 223 5.53 8.68 -6.43
N ARG B 224 5.31 8.91 -5.13
CA ARG B 224 5.71 10.13 -4.45
C ARG B 224 5.24 11.35 -5.22
N PRO B 225 3.93 11.60 -5.29
CA PRO B 225 3.42 12.64 -6.18
C PRO B 225 3.81 14.04 -5.74
N ASN B 226 3.88 14.94 -6.71
CA ASN B 226 4.18 16.35 -6.47
C ASN B 226 3.23 17.18 -7.31
N ALA B 227 2.36 17.94 -6.65
CA ALA B 227 1.37 18.78 -7.35
C ALA B 227 2.04 20.09 -7.76
N LEU B 228 2.12 20.32 -9.06
CA LEU B 228 2.83 21.49 -9.59
C LEU B 228 1.94 22.72 -9.66
N ALA B 229 0.72 22.59 -10.21
CA ALA B 229 -0.15 23.74 -10.38
C ALA B 229 -1.60 23.27 -10.43
N HIS B 230 -2.50 24.23 -10.23
CA HIS B 230 -3.94 24.02 -10.34
C HIS B 230 -4.36 24.47 -11.74
N SER B 231 -4.66 23.50 -12.60
CA SER B 231 -4.93 23.78 -14.01
C SER B 231 -6.37 23.52 -14.43
N GLY B 232 -7.15 22.78 -13.65
CA GLY B 232 -8.47 22.38 -14.05
C GLY B 232 -9.61 23.30 -13.66
N GLY B 233 -9.33 24.36 -12.90
CA GLY B 233 -10.40 25.23 -12.46
C GLY B 233 -11.20 24.61 -11.32
N SER B 234 -12.46 25.01 -11.22
CA SER B 234 -13.34 24.54 -10.16
C SER B 234 -14.59 23.91 -10.75
N VAL B 235 -15.14 22.92 -10.05
CA VAL B 235 -16.31 22.18 -10.49
C VAL B 235 -17.28 22.03 -9.33
N VAL B 236 -18.56 21.83 -9.68
CA VAL B 236 -19.60 21.50 -8.72
C VAL B 236 -20.22 20.18 -9.15
N LEU B 237 -20.17 19.18 -8.27
CA LEU B 237 -20.56 17.83 -8.65
C LEU B 237 -22.07 17.65 -8.60
N ALA B 238 -22.58 16.90 -9.58
CA ALA B 238 -24.01 16.60 -9.66
C ALA B 238 -24.40 15.56 -8.61
N GLU B 239 -25.70 15.38 -8.45
CA GLU B 239 -26.22 14.29 -7.63
C GLU B 239 -25.83 12.96 -8.23
N GLY B 240 -25.23 12.09 -7.43
CA GLY B 240 -24.74 10.81 -7.90
C GLY B 240 -23.28 10.78 -8.30
N THR B 241 -22.59 11.92 -8.25
CA THR B 241 -21.16 12.00 -8.51
C THR B 241 -20.46 12.35 -7.21
N TRP B 242 -19.61 11.44 -6.73
CA TRP B 242 -18.94 11.58 -5.45
C TRP B 242 -17.44 11.74 -5.63
N CYS B 243 -16.81 12.38 -4.65
CA CYS B 243 -15.37 12.53 -4.55
C CYS B 243 -15.03 12.74 -3.08
N PRO B 244 -13.99 12.09 -2.56
CA PRO B 244 -13.67 12.24 -1.14
C PRO B 244 -13.30 13.67 -0.79
N VAL B 245 -13.72 14.10 0.39
CA VAL B 245 -13.49 15.46 0.89
C VAL B 245 -12.68 15.36 2.18
N ASN B 246 -11.51 15.97 2.19
CA ASN B 246 -10.66 15.94 3.38
C ASN B 246 -10.94 17.14 4.26
N ALA B 247 -10.19 17.26 5.35
CA ALA B 247 -10.38 18.31 6.34
C ALA B 247 -9.16 19.21 6.48
N GLN B 248 -8.32 19.28 5.45
CA GLN B 248 -7.11 20.10 5.50
C GLN B 248 -7.25 21.43 4.78
N ASN B 249 -8.27 21.59 3.95
CA ASN B 249 -8.54 22.85 3.25
C ASN B 249 -9.97 22.86 2.75
N THR B 250 -10.93 22.75 3.66
CA THR B 250 -12.32 22.53 3.32
C THR B 250 -13.21 23.50 4.09
N ALA B 251 -14.08 24.19 3.36
CA ALA B 251 -15.05 25.10 3.95
C ALA B 251 -16.41 24.40 4.00
N VAL B 252 -17.08 24.50 5.14
CA VAL B 252 -18.39 23.90 5.33
C VAL B 252 -19.33 24.96 5.85
N HIS B 253 -20.48 25.12 5.19
CA HIS B 253 -21.50 26.03 5.69
C HIS B 253 -22.04 25.52 7.02
N ARG B 254 -22.43 26.46 7.88
CA ARG B 254 -22.80 26.10 9.25
C ARG B 254 -24.00 25.15 9.28
N ASP B 255 -24.86 25.19 8.27
CA ASP B 255 -25.97 24.25 8.21
C ASP B 255 -25.48 22.83 7.97
N ALA B 256 -24.43 22.68 7.16
CA ALA B 256 -23.85 21.37 6.86
C ALA B 256 -22.85 20.90 7.90
N LEU B 257 -22.46 21.77 8.84
CA LEU B 257 -21.47 21.38 9.83
C LEU B 257 -21.91 20.24 10.75
N PRO B 258 -23.19 20.14 11.17
CA PRO B 258 -23.57 18.98 12.00
C PRO B 258 -23.24 17.62 11.40
N ALA B 259 -23.15 17.51 10.08
CA ALA B 259 -22.79 16.25 9.44
C ALA B 259 -21.29 16.14 9.16
N TYR B 260 -20.48 17.08 9.65
CA TYR B 260 -19.05 17.10 9.39
C TYR B 260 -18.23 16.62 10.58
N TYR B 261 -18.81 15.76 11.41
CA TYR B 261 -18.13 15.24 12.59
C TYR B 261 -16.95 14.36 12.17
N PHE B 262 -15.75 14.74 12.61
CA PHE B 262 -14.53 14.00 12.32
C PHE B 262 -14.57 12.65 13.04
N LEU B 263 -14.65 11.57 12.29
CA LEU B 263 -14.88 10.26 12.87
C LEU B 263 -13.72 9.84 13.75
N ARG B 264 -14.04 9.18 14.86
CA ARG B 264 -13.04 8.72 15.81
C ARG B 264 -12.37 7.46 15.29
N MET B 265 -11.03 7.48 15.26
CA MET B 265 -10.26 6.34 14.76
C MET B 265 -9.86 5.42 15.91
N GLY B 266 -9.09 4.38 15.58
CA GLY B 266 -8.59 3.45 16.57
C GLY B 266 -9.30 2.12 16.60
N GLN B 267 -10.46 1.99 15.95
CA GLN B 267 -11.18 0.72 15.97
C GLN B 267 -10.42 -0.31 15.16
N PRO B 268 -10.17 -1.50 15.72
CA PRO B 268 -9.41 -2.51 14.98
C PRO B 268 -10.24 -3.21 13.91
N VAL B 269 -9.56 -3.56 12.83
CA VAL B 269 -10.12 -4.38 11.76
C VAL B 269 -9.21 -5.60 11.64
N ASP B 270 -9.71 -6.76 12.05
CA ASP B 270 -8.89 -7.97 12.17
C ASP B 270 -7.73 -7.74 13.13
N GLY B 271 -7.98 -6.99 14.20
CA GLY B 271 -6.97 -6.70 15.19
C GLY B 271 -6.04 -5.55 14.86
N VAL B 272 -6.23 -4.88 13.73
CA VAL B 272 -5.36 -3.80 13.28
C VAL B 272 -6.14 -2.49 13.42
N PRO B 273 -5.72 -1.58 14.30
CA PRO B 273 -6.46 -0.32 14.48
C PRO B 273 -6.29 0.59 13.28
N MET B 274 -7.41 1.18 12.85
CA MET B 274 -7.42 2.11 11.73
C MET B 274 -7.07 3.51 12.20
N GLU B 275 -6.51 4.30 11.28
CA GLU B 275 -6.21 5.71 11.53
C GLU B 275 -6.16 6.45 10.20
N ARG B 276 -6.06 7.78 10.29
CA ARG B 276 -5.87 8.69 9.17
C ARG B 276 -7.08 8.78 8.25
N PHE B 277 -8.21 8.17 8.61
CA PHE B 277 -9.40 8.20 7.76
C PHE B 277 -10.60 8.84 8.47
N GLY B 278 -10.35 9.66 9.48
CA GLY B 278 -11.44 10.34 10.16
C GLY B 278 -12.14 11.34 9.26
N ASP B 279 -11.38 12.04 8.42
CA ASP B 279 -11.96 12.97 7.47
C ASP B 279 -12.42 12.30 6.18
N ILE B 280 -12.01 11.05 5.94
CA ILE B 280 -12.52 10.33 4.77
C ILE B 280 -13.99 9.99 4.97
N PHE B 281 -14.35 9.50 6.16
CA PHE B 281 -15.75 9.24 6.46
C PHE B 281 -16.54 10.54 6.57
N SER B 282 -15.98 11.53 7.29
CA SER B 282 -16.70 12.79 7.45
C SER B 282 -16.91 13.48 6.10
N GLY B 283 -15.93 13.35 5.20
CA GLY B 283 -16.10 13.92 3.88
C GLY B 283 -17.19 13.23 3.07
N TYR B 284 -17.27 11.91 3.16
CA TYR B 284 -18.34 11.20 2.46
C TYR B 284 -19.68 11.36 3.17
N PHE B 285 -19.66 11.42 4.51
CA PHE B 285 -20.90 11.52 5.26
C PHE B 285 -21.59 12.86 5.02
N VAL B 286 -20.83 13.96 5.12
CA VAL B 286 -21.41 15.27 4.86
C VAL B 286 -21.80 15.42 3.39
N GLN B 287 -21.21 14.60 2.51
CA GLN B 287 -21.50 14.68 1.08
C GLN B 287 -22.79 13.95 0.73
N VAL B 288 -23.01 12.77 1.32
CA VAL B 288 -24.27 12.06 1.06
C VAL B 288 -25.43 12.75 1.78
N CYS B 289 -25.15 13.42 2.90
CA CYS B 289 -26.20 14.17 3.58
C CYS B 289 -26.57 15.42 2.79
N ALA B 290 -25.57 16.10 2.22
CA ALA B 290 -25.85 17.31 1.46
C ALA B 290 -26.67 17.01 0.21
N GLN B 291 -26.33 15.94 -0.51
CA GLN B 291 -27.07 15.62 -1.72
C GLN B 291 -28.49 15.17 -1.42
N HIS B 292 -28.72 14.55 -0.26
CA HIS B 292 -30.08 14.20 0.13
C HIS B 292 -30.92 15.45 0.38
N LEU B 293 -30.29 16.53 0.83
CA LEU B 293 -30.99 17.78 1.12
C LEU B 293 -30.96 18.76 -0.05
N GLY B 294 -30.50 18.32 -1.21
CA GLY B 294 -30.46 19.20 -2.37
C GLY B 294 -29.24 20.09 -2.45
N HIS B 295 -28.17 19.76 -1.72
CA HIS B 295 -26.95 20.55 -1.69
C HIS B 295 -25.84 19.80 -2.42
N ALA B 296 -24.76 20.54 -2.72
CA ALA B 296 -23.69 20.03 -3.58
C ALA B 296 -22.33 20.32 -2.95
N VAL B 297 -21.32 19.65 -3.49
CA VAL B 297 -19.94 19.80 -3.04
C VAL B 297 -19.12 20.40 -4.18
N ARG B 298 -18.24 21.35 -3.84
CA ARG B 298 -17.43 22.06 -4.80
C ARG B 298 -15.96 21.71 -4.59
N PHE B 299 -15.21 21.64 -5.70
CA PHE B 299 -13.79 21.34 -5.68
C PHE B 299 -13.05 22.36 -6.54
N GLY B 300 -11.92 22.85 -6.04
CA GLY B 300 -11.12 23.81 -6.78
C GLY B 300 -10.42 24.83 -5.91
N ASP B 301 -10.70 26.11 -6.15
CA ASP B 301 -10.10 27.18 -5.36
C ASP B 301 -10.84 27.33 -4.04
N PRO B 302 -10.20 27.90 -3.01
CA PRO B 302 -8.82 28.40 -2.98
C PRO B 302 -7.80 27.27 -2.81
N VAL B 303 -6.63 27.44 -3.42
CA VAL B 303 -5.56 26.44 -3.39
C VAL B 303 -4.55 26.83 -2.32
N VAL B 304 -4.13 25.85 -1.54
CA VAL B 304 -3.14 26.07 -0.50
C VAL B 304 -1.85 25.33 -0.85
N GLU B 305 -0.76 25.77 -0.25
CA GLU B 305 0.51 25.06 -0.33
C GLU B 305 0.58 24.06 0.81
N HIS B 306 1.03 22.84 0.52
CA HIS B 306 1.06 21.76 1.50
C HIS B 306 2.49 21.24 1.64
N PRO B 307 3.35 21.98 2.38
CA PRO B 307 4.63 21.37 2.80
C PRO B 307 4.38 20.38 3.92
N ARG B 308 4.05 19.14 3.55
CA ARG B 308 3.52 18.17 4.49
C ARG B 308 4.51 17.90 5.62
N ASN B 309 3.98 17.79 6.84
CA ASN B 309 4.79 17.40 7.98
C ASN B 309 5.46 16.06 7.72
N GLU B 310 6.59 15.84 8.40
CA GLU B 310 7.32 14.58 8.24
C GLU B 310 6.48 13.42 8.77
N HIS B 311 6.35 12.38 7.96
CA HIS B 311 5.58 11.20 8.33
C HIS B 311 6.37 9.94 8.01
N ASP B 312 6.18 8.92 8.84
CA ASP B 312 6.64 7.57 8.53
C ASP B 312 5.63 6.96 7.56
N LEU B 313 6.01 6.87 6.29
CA LEU B 313 5.06 6.46 5.26
C LEU B 313 4.61 5.02 5.46
N LEU B 314 5.53 4.14 5.87
CA LEU B 314 5.12 2.76 6.16
C LEU B 314 4.21 2.70 7.38
N ASP B 315 4.36 3.64 8.31
CA ASP B 315 3.43 3.71 9.43
C ASP B 315 2.08 4.27 8.98
N ASP B 316 2.10 5.24 8.05
CA ASP B 316 0.86 5.72 7.47
C ASP B 316 0.12 4.59 6.74
N LEU B 317 0.87 3.74 6.03
CA LEU B 317 0.25 2.60 5.34
C LEU B 317 -0.39 1.64 6.33
N HIS B 318 0.34 1.29 7.40
CA HIS B 318 -0.18 0.35 8.38
C HIS B 318 -1.44 0.89 9.05
N LYS B 319 -1.59 2.21 9.11
CA LYS B 319 -2.77 2.82 9.72
C LYS B 319 -3.94 2.88 8.75
N GLU B 320 -3.68 3.06 7.45
CA GLU B 320 -4.76 3.30 6.51
C GLU B 320 -5.38 2.00 6.00
N VAL B 321 -4.58 0.93 5.91
CA VAL B 321 -5.07 -0.32 5.33
C VAL B 321 -6.36 -0.83 5.99
N PRO B 322 -6.48 -0.85 7.32
CA PRO B 322 -7.75 -1.31 7.91
C PRO B 322 -8.98 -0.59 7.38
N ALA B 323 -8.89 0.72 7.14
CA ALA B 323 -10.03 1.45 6.59
C ALA B 323 -10.17 1.23 5.10
N VAL B 324 -9.05 1.09 4.37
CA VAL B 324 -9.11 0.84 2.93
C VAL B 324 -9.77 -0.49 2.64
N ARG B 325 -9.61 -1.48 3.54
CA ARG B 325 -10.21 -2.78 3.32
C ARG B 325 -11.73 -2.77 3.40
N LEU B 326 -12.31 -1.73 3.98
CA LEU B 326 -13.75 -1.64 4.16
C LEU B 326 -14.41 -0.52 3.36
N LEU B 327 -13.63 0.41 2.81
CA LEU B 327 -14.23 1.63 2.26
C LEU B 327 -15.05 1.34 1.01
N ASP B 328 -14.55 0.47 0.13
CA ASP B 328 -15.27 0.19 -1.11
C ASP B 328 -16.64 -0.42 -0.83
N ASP B 329 -16.71 -1.32 0.15
CA ASP B 329 -18.00 -1.94 0.49
C ASP B 329 -18.95 -0.94 1.13
N ILE B 330 -18.44 -0.07 2.01
CA ILE B 330 -19.29 0.91 2.67
C ILE B 330 -19.86 1.89 1.65
N LEU B 331 -19.03 2.36 0.72
CA LEU B 331 -19.51 3.29 -0.29
C LEU B 331 -20.56 2.64 -1.19
N ASP B 332 -20.39 1.35 -1.49
CA ASP B 332 -21.36 0.67 -2.35
C ASP B 332 -22.73 0.57 -1.68
N HIS B 333 -22.76 0.31 -0.38
CA HIS B 333 -24.03 0.18 0.32
C HIS B 333 -24.70 1.52 0.56
N LEU B 334 -23.92 2.60 0.72
CA LEU B 334 -24.51 3.92 0.87
C LEU B 334 -25.24 4.37 -0.39
N ARG B 335 -24.92 3.80 -1.54
CA ARG B 335 -25.68 4.09 -2.75
C ARG B 335 -27.07 3.45 -2.69
N ASP B 336 -27.17 2.26 -2.13
CA ASP B 336 -28.43 1.53 -2.07
C ASP B 336 -29.33 1.96 -0.92
N HIS B 337 -28.81 2.73 0.03
CA HIS B 337 -29.55 3.04 1.25
C HIS B 337 -30.14 4.43 1.16
N PRO B 338 -31.46 4.57 1.06
CA PRO B 338 -32.07 5.90 1.09
C PRO B 338 -32.08 6.48 2.50
N LEU B 339 -31.95 7.80 2.56
CA LEU B 339 -31.90 8.51 3.83
C LEU B 339 -33.16 9.34 4.05
N GLU B 340 -33.36 9.74 5.30
CA GLU B 340 -34.49 10.57 5.69
C GLU B 340 -33.99 11.74 6.52
N GLY B 341 -34.80 12.79 6.61
CA GLY B 341 -34.47 13.96 7.39
C GLY B 341 -34.76 15.26 6.66
N GLY B 342 -35.04 16.30 7.43
CA GLY B 342 -35.33 17.61 6.86
C GLY B 342 -34.13 18.54 6.87
N ASP B 343 -33.22 18.31 7.82
CA ASP B 343 -32.00 19.09 7.90
C ASP B 343 -30.79 18.17 8.08
N TYR B 344 -29.62 18.76 8.33
CA TYR B 344 -28.41 17.94 8.44
C TYR B 344 -28.39 17.12 9.71
N LEU B 345 -28.98 17.63 10.80
CA LEU B 345 -29.03 16.87 12.05
C LEU B 345 -29.87 15.60 11.88
N GLU B 346 -31.07 15.74 11.33
CA GLU B 346 -31.93 14.58 11.14
C GLU B 346 -31.35 13.61 10.11
N THR B 347 -30.73 14.14 9.05
CA THR B 347 -30.18 13.29 8.01
C THR B 347 -28.93 12.56 8.49
N TYR B 348 -28.10 13.24 9.30
CA TYR B 348 -26.90 12.58 9.83
C TYR B 348 -27.28 11.45 10.77
N GLU B 349 -28.29 11.66 11.62
CA GLU B 349 -28.75 10.59 12.49
C GLU B 349 -29.34 9.44 11.69
N SER B 350 -30.14 9.74 10.66
CA SER B 350 -30.63 8.69 9.77
C SER B 350 -29.49 7.95 9.11
N LEU B 351 -28.41 8.66 8.78
CA LEU B 351 -27.23 8.00 8.22
C LEU B 351 -26.60 7.06 9.24
N SER B 352 -26.59 7.46 10.52
CA SER B 352 -25.99 6.62 11.56
C SER B 352 -26.72 5.28 11.67
N TYR B 353 -28.05 5.30 11.62
CA TYR B 353 -28.80 4.05 11.65
C TYR B 353 -28.57 3.24 10.38
N ALA B 354 -28.35 3.92 9.25
CA ALA B 354 -28.08 3.22 8.00
C ALA B 354 -26.75 2.48 8.06
N LEU B 355 -25.75 3.07 8.71
CA LEU B 355 -24.46 2.40 8.85
C LEU B 355 -24.58 1.13 9.68
N GLN B 356 -25.52 1.09 10.63
CA GLN B 356 -25.71 -0.12 11.44
C GLN B 356 -26.37 -1.23 10.63
N GLU B 357 -27.29 -0.88 9.74
CA GLU B 357 -27.87 -1.88 8.85
C GLU B 357 -26.82 -2.41 7.87
N ILE B 358 -25.94 -1.52 7.39
CA ILE B 358 -24.90 -1.94 6.46
C ILE B 358 -23.91 -2.88 7.15
N ALA B 359 -23.61 -2.62 8.43
CA ALA B 359 -22.64 -3.43 9.15
C ALA B 359 -23.04 -4.90 9.25
N GLU B 360 -24.33 -5.21 9.14
CA GLU B 360 -24.79 -6.58 9.25
C GLU B 360 -25.08 -7.24 7.90
N ARG B 361 -25.32 -6.46 6.85
CA ARG B 361 -25.59 -7.02 5.53
C ARG B 361 -24.34 -7.15 4.67
N VAL B 362 -23.29 -6.40 4.97
CA VAL B 362 -22.08 -6.44 4.16
C VAL B 362 -21.37 -7.78 4.36
N ASN B 363 -20.75 -8.26 3.29
CA ASN B 363 -20.00 -9.51 3.31
C ASN B 363 -18.60 -9.27 2.76
N GLY B 364 -17.65 -10.05 3.23
CA GLY B 364 -16.28 -9.94 2.78
C GLY B 364 -15.32 -10.53 3.77
N ARG B 365 -14.09 -10.76 3.30
CA ARG B 365 -13.07 -11.37 4.14
C ARG B 365 -12.62 -10.42 5.24
N ALA B 366 -12.67 -9.11 4.99
CA ALA B 366 -12.22 -8.11 5.95
C ALA B 366 -13.28 -7.75 6.98
N TRP B 367 -14.48 -8.35 6.91
CA TRP B 367 -15.56 -7.99 7.82
C TRP B 367 -15.64 -9.00 8.96
N SER B 368 -14.63 -8.94 9.82
CA SER B 368 -14.61 -9.70 11.06
C SER B 368 -15.55 -9.04 12.06
N PRO B 369 -15.85 -9.71 13.19
CA PRO B 369 -16.75 -9.10 14.19
C PRO B 369 -16.30 -7.72 14.65
N ASP B 370 -14.98 -7.47 14.79
CA ASP B 370 -14.55 -6.15 15.22
C ASP B 370 -14.74 -5.12 14.11
N ALA B 371 -14.68 -5.54 12.85
CA ALA B 371 -14.89 -4.61 11.75
C ALA B 371 -16.35 -4.18 11.68
N ARG B 372 -17.28 -5.13 11.85
CA ARG B 372 -18.70 -4.78 11.86
C ARG B 372 -19.03 -3.90 13.05
N ALA B 373 -18.48 -4.21 14.23
CA ALA B 373 -18.75 -3.40 15.42
C ALA B 373 -18.16 -2.00 15.31
N PHE B 374 -17.19 -1.79 14.41
CA PHE B 374 -16.68 -0.45 14.19
C PHE B 374 -17.77 0.48 13.68
N LEU B 375 -18.61 0.00 12.76
CA LEU B 375 -19.69 0.83 12.25
C LEU B 375 -20.76 1.09 13.32
N HIS B 376 -20.89 0.19 14.30
CA HIS B 376 -21.90 0.38 15.33
C HIS B 376 -21.45 1.41 16.36
N ARG B 377 -20.20 1.32 16.82
CA ARG B 377 -19.71 2.30 17.78
C ARG B 377 -19.57 3.68 17.12
N SER B 378 -19.16 3.72 15.85
CA SER B 378 -19.10 4.97 15.13
C SER B 378 -20.48 5.61 15.03
N ALA B 379 -21.51 4.79 14.82
CA ALA B 379 -22.87 5.32 14.71
C ALA B 379 -23.33 5.94 16.02
N HIS B 380 -23.02 5.30 17.15
CA HIS B 380 -23.37 5.86 18.45
C HIS B 380 -22.64 7.18 18.68
N LEU B 381 -21.36 7.25 18.28
CA LEU B 381 -20.60 8.48 18.48
C LEU B 381 -21.11 9.59 17.57
N MET B 382 -21.61 9.24 16.39
CA MET B 382 -22.24 10.25 15.53
C MET B 382 -23.48 10.83 16.18
N ARG B 383 -24.32 9.98 16.77
CA ARG B 383 -25.51 10.47 17.46
C ARG B 383 -25.17 11.17 18.76
N SER B 384 -24.03 10.82 19.37
CA SER B 384 -23.57 11.56 20.54
C SER B 384 -23.11 12.95 20.15
N TRP B 385 -22.50 13.08 18.97
CA TRP B 385 -22.12 14.39 18.46
C TRP B 385 -23.34 15.25 18.13
N THR B 386 -24.36 14.66 17.50
CA THR B 386 -25.57 15.43 17.22
C THR B 386 -26.33 15.75 18.48
N GLY B 387 -26.25 14.89 19.49
CA GLY B 387 -26.91 15.18 20.76
C GLY B 387 -26.32 16.39 21.45
N ALA B 388 -25.00 16.57 21.35
CA ALA B 388 -24.35 17.73 21.93
C ALA B 388 -24.73 19.00 21.17
N LEU B 389 -24.88 18.89 19.85
CA LEU B 389 -25.29 20.05 19.05
C LEU B 389 -26.74 20.43 19.36
N ARG B 390 -27.61 19.44 19.58
CA ARG B 390 -28.98 19.74 19.96
C ARG B 390 -29.06 20.35 21.36
N THR B 391 -28.03 20.16 22.20
CA THR B 391 -28.04 20.73 23.54
C THR B 391 -27.77 22.22 23.52
N VAL B 392 -26.78 22.66 22.73
CA VAL B 392 -26.46 24.09 22.68
C VAL B 392 -27.53 24.85 21.91
N ALA B 393 -28.15 24.21 20.91
CA ALA B 393 -29.18 24.86 20.12
C ALA B 393 -30.44 25.11 20.95
O1P GFB C . -0.99 -16.26 -8.89
P GFB C . 0.47 -16.48 -8.65
O3P GFB C . 1.37 -16.60 -9.83
O2P GFB C . 1.00 -15.31 -7.70
O5' GFB C . 0.66 -17.77 -7.72
P1 GFB C . 1.85 -13.98 -8.01
C5' GFB C . 2.00 -18.29 -7.53
C4' GFB C . 1.96 -19.80 -7.58
O4' GFB C . 1.39 -20.32 -6.35
C3' GFB C . 1.13 -20.41 -8.72
C1' GFB C . 0.56 -21.40 -6.69
O3' GFB C . 1.83 -21.51 -9.32
C2' GFB C . -0.10 -20.94 -7.99
O2' GFB C . -0.80 -21.96 -8.68
N9 GFB C . -0.38 -21.63 -5.59
C8 GFB C . -1.41 -20.80 -5.21
C4 GFB C . -0.40 -22.69 -4.72
N7 GFB C . -2.08 -21.26 -4.18
C5 GFB C . -1.46 -22.46 -3.87
C6 GFB C . -1.75 -23.39 -2.85
O6 GFB C . -2.65 -23.35 -1.99
N1 GFB C . -0.86 -24.48 -2.89
C2 GFB C . 0.17 -24.63 -3.78
N2 GFB C . 0.91 -25.74 -3.66
N3 GFB C . 0.44 -23.75 -4.74
C1 GFB C . 4.45 -13.74 -7.58
C2A GFB C . 5.71 -14.58 -7.70
O1 GFB C . 3.34 -14.55 -7.83
O5 GFB C . 4.41 -13.10 -6.30
C3 GFB C . 5.75 -15.60 -6.58
O2 GFB C . 6.87 -13.75 -7.67
C4A GFB C . 5.72 -14.88 -5.23
O3 GFB C . 4.67 -16.51 -6.71
C5A GFB C . 4.54 -13.94 -5.12
O4 GFB C . 5.70 -15.83 -4.16
C6A GFB C . 3.21 -14.63 -4.87
O1X GFB C . 1.64 -13.62 -9.44
O2X GFB C . 1.57 -12.95 -6.97
MN MN D . 1.87 -15.09 -11.14
O1P GFB E . 0.86 15.98 9.35
P GFB E . -0.59 16.25 9.12
O3P GFB E . -0.98 17.47 8.36
O2P GFB E . -1.22 14.97 8.38
O5' GFB E . -1.38 16.22 10.52
P1 GFB E . -1.55 14.67 6.84
C5' GFB E . -2.76 16.66 10.52
C4' GFB E . -3.00 17.53 11.74
O4' GFB E . -3.03 16.69 12.93
C3' GFB E . -1.93 18.59 12.02
C1' GFB E . -2.39 17.38 13.96
O3' GFB E . -2.55 19.83 12.34
C2' GFB E . -1.21 18.04 13.25
O2' GFB E . -0.54 19.01 14.02
N9 GFB E . -2.00 16.42 15.00
C8 GFB E . -1.05 15.44 14.90
C4 GFB E . -2.55 16.31 16.26
N7 GFB E . -0.93 14.72 15.98
C5 GFB E . -1.87 15.26 16.85
C6 GFB E . -2.20 14.88 18.18
O6 GFB E . -1.71 13.97 18.86
N1 GFB E . -3.22 15.69 18.69
C2 GFB E . -3.83 16.72 18.02
N2 GFB E . -4.79 17.38 18.70
N3 GFB E . -3.53 17.08 16.78
C1 GFB E . -3.99 14.67 5.82
C2A GFB E . -5.25 15.51 5.88
O1 GFB E . -3.07 15.17 6.77
O5 GFB E . -4.28 13.30 6.00
C3 GFB E . -5.97 15.26 7.18
O2 GFB E . -6.09 15.19 4.77
C4A GFB E . -6.30 13.78 7.33
O3 GFB E . -5.18 15.74 8.27
C5A GFB E . -5.05 12.91 7.18
O4 GFB E . -6.91 13.51 8.59
C6A GFB E . -4.13 12.93 8.38
O1X GFB E . -0.70 15.57 5.98
O2X GFB E . -1.48 13.20 6.58
C1 GOL F . -27.82 17.88 -9.09
O1 GOL F . -27.88 17.26 -10.34
C2 GOL F . -26.88 19.09 -9.23
O2 GOL F . -27.48 20.16 -9.89
C3 GOL F . -26.49 19.47 -7.78
O3 GOL F . -25.62 18.49 -7.31
MN MN G . -0.63 17.81 6.29
#